data_1D75
# 
_entry.id   1D75 
# 
_audit_conform.dict_name       mmcif_pdbx.dic 
_audit_conform.dict_version    5.385 
_audit_conform.dict_location   http://mmcif.pdb.org/dictionaries/ascii/mmcif_pdbx.dic 
# 
loop_
_database_2.database_id 
_database_2.database_code 
_database_2.pdbx_database_accession 
_database_2.pdbx_DOI 
PDB   1D75         pdb_00001d75 10.2210/pdb1d75/pdb 
RCSB  BDLB33       ?            ?                   
WWPDB D_1000172673 ?            ?                   
# 
loop_
_pdbx_audit_revision_history.ordinal 
_pdbx_audit_revision_history.data_content_type 
_pdbx_audit_revision_history.major_revision 
_pdbx_audit_revision_history.minor_revision 
_pdbx_audit_revision_history.revision_date 
1 'Structure model' 1 0 1993-01-15 
2 'Structure model' 1 1 2008-05-22 
3 'Structure model' 1 2 2011-07-13 
4 'Structure model' 1 3 2024-02-07 
# 
_pdbx_audit_revision_details.ordinal             1 
_pdbx_audit_revision_details.revision_ordinal    1 
_pdbx_audit_revision_details.data_content_type   'Structure model' 
_pdbx_audit_revision_details.provider            repository 
_pdbx_audit_revision_details.type                'Initial release' 
_pdbx_audit_revision_details.description         ? 
_pdbx_audit_revision_details.details             ? 
# 
loop_
_pdbx_audit_revision_group.ordinal 
_pdbx_audit_revision_group.revision_ordinal 
_pdbx_audit_revision_group.data_content_type 
_pdbx_audit_revision_group.group 
1 2 'Structure model' 'Version format compliance' 
2 3 'Structure model' 'Version format compliance' 
3 4 'Structure model' 'Data collection'           
4 4 'Structure model' 'Database references'       
5 4 'Structure model' 'Derived calculations'      
# 
loop_
_pdbx_audit_revision_category.ordinal 
_pdbx_audit_revision_category.revision_ordinal 
_pdbx_audit_revision_category.data_content_type 
_pdbx_audit_revision_category.category 
1 4 'Structure model' chem_comp_atom 
2 4 'Structure model' chem_comp_bond 
3 4 'Structure model' database_2     
4 4 'Structure model' struct_conn    
# 
loop_
_pdbx_audit_revision_item.ordinal 
_pdbx_audit_revision_item.revision_ordinal 
_pdbx_audit_revision_item.data_content_type 
_pdbx_audit_revision_item.item 
1 4 'Structure model' '_database_2.pdbx_DOI'                
2 4 'Structure model' '_database_2.pdbx_database_accession' 
3 4 'Structure model' '_struct_conn.pdbx_leaving_atom_flag' 
# 
_pdbx_database_status.status_code                     REL 
_pdbx_database_status.entry_id                        1D75 
_pdbx_database_status.recvd_initial_deposition_date   1992-05-07 
_pdbx_database_status.deposit_site                    BNL 
_pdbx_database_status.process_site                    NDB 
_pdbx_database_status.SG_entry                        . 
_pdbx_database_status.pdb_format_compatible           Y 
_pdbx_database_status.status_code_mr                  ? 
_pdbx_database_status.status_code_sf                  ? 
_pdbx_database_status.status_code_cs                  ? 
_pdbx_database_status.status_code_nmr_data            ? 
_pdbx_database_status.methods_development_category    ? 
# 
loop_
_audit_author.name 
_audit_author.pdbx_ordinal 
'Leonard, G.A.' 1 
'Guy, A.'       2 
'Brown, T.'     3 
'Teoule, R.'    4 
'Hunter, W.N.'  5 
# 
_citation.id                        primary 
_citation.title                     
'Conformation of guanine-8-oxoadenine base pairs in the crystal structure of d(CGCGAATT(O8A)GCG).' 
_citation.journal_abbrev            Biochemistry 
_citation.journal_volume            31 
_citation.page_first                8415 
_citation.page_last                 8420 
_citation.year                      1992 
_citation.journal_id_ASTM           BICHAW 
_citation.country                   US 
_citation.journal_id_ISSN           0006-2960 
_citation.journal_id_CSD            0033 
_citation.book_publisher            ? 
_citation.pdbx_database_id_PubMed   1390625 
_citation.pdbx_database_id_DOI      10.1021/bi00151a004 
# 
loop_
_citation_author.citation_id 
_citation_author.name 
_citation_author.ordinal 
_citation_author.identifier_ORCID 
primary 'Leonard, G.A.' 1 ? 
primary 'Guy, A.'       2 ? 
primary 'Brown, T.'     3 ? 
primary 'Teoule, R.'    4 ? 
primary 'Hunter, W.N.'  5 ? 
# 
loop_
_entity.id 
_entity.type 
_entity.src_method 
_entity.pdbx_description 
_entity.formula_weight 
_entity.pdbx_number_of_molecules 
_entity.pdbx_ec 
_entity.pdbx_mutation 
_entity.pdbx_fragment 
_entity.details 
1 polymer syn 
;DNA (5'-D(*CP*GP*CP*GP*AP*AP*TP*TP*(A38)P*GP*CP*G)-3')
;
3703.416 2  ? ? ? ? 
2 water   nat water                                                    18.015   67 ? ? ? ? 
# 
_entity_poly.entity_id                      1 
_entity_poly.type                           polydeoxyribonucleotide 
_entity_poly.nstd_linkage                   no 
_entity_poly.nstd_monomer                   yes 
_entity_poly.pdbx_seq_one_letter_code       '(DC)(DG)(DC)(DG)(DA)(DA)(DT)(DT)(A38)(DG)(DC)(DG)' 
_entity_poly.pdbx_seq_one_letter_code_can   CGCGAATTAGCG 
_entity_poly.pdbx_strand_id                 A,B 
_entity_poly.pdbx_target_identifier         ? 
# 
_pdbx_entity_nonpoly.entity_id   2 
_pdbx_entity_nonpoly.name        water 
_pdbx_entity_nonpoly.comp_id     HOH 
# 
loop_
_entity_poly_seq.entity_id 
_entity_poly_seq.num 
_entity_poly_seq.mon_id 
_entity_poly_seq.hetero 
1 1  DC  n 
1 2  DG  n 
1 3  DC  n 
1 4  DG  n 
1 5  DA  n 
1 6  DA  n 
1 7  DT  n 
1 8  DT  n 
1 9  A38 n 
1 10 DG  n 
1 11 DC  n 
1 12 DG  n 
# 
loop_
_chem_comp.id 
_chem_comp.type 
_chem_comp.mon_nstd_flag 
_chem_comp.name 
_chem_comp.pdbx_synonyms 
_chem_comp.formula 
_chem_comp.formula_weight 
A38 'DNA linking' n 
;8-OXY DEOXYADENOSINE-5'-MONOPHOSPHATE
;
? 'C10 H14 N5 O7 P' 347.221 
DA  'DNA linking' y "2'-DEOXYADENOSINE-5'-MONOPHOSPHATE"    ? 'C10 H14 N5 O6 P' 331.222 
DC  'DNA linking' y "2'-DEOXYCYTIDINE-5'-MONOPHOSPHATE"     ? 'C9 H14 N3 O7 P'  307.197 
DG  'DNA linking' y "2'-DEOXYGUANOSINE-5'-MONOPHOSPHATE"    ? 'C10 H14 N5 O7 P' 347.221 
DT  'DNA linking' y "THYMIDINE-5'-MONOPHOSPHATE"            ? 'C10 H15 N2 O8 P' 322.208 
HOH non-polymer   . WATER                                   ? 'H2 O'            18.015  
# 
loop_
_pdbx_poly_seq_scheme.asym_id 
_pdbx_poly_seq_scheme.entity_id 
_pdbx_poly_seq_scheme.seq_id 
_pdbx_poly_seq_scheme.mon_id 
_pdbx_poly_seq_scheme.ndb_seq_num 
_pdbx_poly_seq_scheme.pdb_seq_num 
_pdbx_poly_seq_scheme.auth_seq_num 
_pdbx_poly_seq_scheme.pdb_mon_id 
_pdbx_poly_seq_scheme.auth_mon_id 
_pdbx_poly_seq_scheme.pdb_strand_id 
_pdbx_poly_seq_scheme.pdb_ins_code 
_pdbx_poly_seq_scheme.hetero 
A 1 1  DC  1  1  1  DC  C  A . n 
A 1 2  DG  2  2  2  DG  G  A . n 
A 1 3  DC  3  3  3  DC  C  A . n 
A 1 4  DG  4  4  4  DG  G  A . n 
A 1 5  DA  5  5  5  DA  A  A . n 
A 1 6  DA  6  6  6  DA  A  A . n 
A 1 7  DT  7  7  7  DT  T  A . n 
A 1 8  DT  8  8  8  DT  T  A . n 
A 1 9  A38 9  9  9  A38 +A A . n 
A 1 10 DG  10 10 10 DG  G  A . n 
A 1 11 DC  11 11 11 DC  C  A . n 
A 1 12 DG  12 12 12 DG  G  A . n 
B 1 1  DC  1  13 13 DC  C  B . n 
B 1 2  DG  2  14 14 DG  G  B . n 
B 1 3  DC  3  15 15 DC  C  B . n 
B 1 4  DG  4  16 16 DG  G  B . n 
B 1 5  DA  5  17 17 DA  A  B . n 
B 1 6  DA  6  18 18 DA  A  B . n 
B 1 7  DT  7  19 19 DT  T  B . n 
B 1 8  DT  8  20 20 DT  T  B . n 
B 1 9  A38 9  21 21 A38 +A B . n 
B 1 10 DG  10 22 22 DG  G  B . n 
B 1 11 DC  11 23 23 DC  C  B . n 
B 1 12 DG  12 24 24 DG  G  B . n 
# 
loop_
_pdbx_nonpoly_scheme.asym_id 
_pdbx_nonpoly_scheme.entity_id 
_pdbx_nonpoly_scheme.mon_id 
_pdbx_nonpoly_scheme.ndb_seq_num 
_pdbx_nonpoly_scheme.pdb_seq_num 
_pdbx_nonpoly_scheme.auth_seq_num 
_pdbx_nonpoly_scheme.pdb_mon_id 
_pdbx_nonpoly_scheme.auth_mon_id 
_pdbx_nonpoly_scheme.pdb_strand_id 
_pdbx_nonpoly_scheme.pdb_ins_code 
C 2 HOH 1  25 25 HOH HOH A . 
C 2 HOH 2  26 26 HOH HOH A . 
C 2 HOH 3  28 28 HOH HOH A . 
C 2 HOH 4  31 31 HOH HOH A . 
C 2 HOH 5  32 32 HOH HOH A . 
C 2 HOH 6  33 33 HOH HOH A . 
C 2 HOH 7  35 35 HOH HOH A . 
C 2 HOH 8  36 36 HOH HOH A . 
C 2 HOH 9  37 37 HOH HOH A . 
C 2 HOH 10 38 38 HOH HOH A . 
C 2 HOH 11 40 40 HOH HOH A . 
C 2 HOH 12 41 41 HOH HOH A . 
C 2 HOH 13 42 42 HOH HOH A . 
C 2 HOH 14 43 43 HOH HOH A . 
C 2 HOH 15 44 44 HOH HOH A . 
C 2 HOH 16 46 46 HOH HOH A . 
C 2 HOH 17 48 48 HOH HOH A . 
C 2 HOH 18 50 50 HOH HOH A . 
C 2 HOH 19 51 51 HOH HOH A . 
C 2 HOH 20 52 52 HOH HOH A . 
C 2 HOH 21 54 54 HOH HOH A . 
C 2 HOH 22 55 55 HOH HOH A . 
C 2 HOH 23 56 56 HOH HOH A . 
C 2 HOH 24 59 59 HOH HOH A . 
C 2 HOH 25 60 60 HOH HOH A . 
C 2 HOH 26 61 61 HOH HOH A . 
C 2 HOH 27 62 62 HOH HOH A . 
C 2 HOH 28 63 63 HOH HOH A . 
C 2 HOH 29 64 64 HOH HOH A . 
C 2 HOH 30 65 65 HOH HOH A . 
C 2 HOH 31 72 72 HOH HOH A . 
C 2 HOH 32 74 74 HOH HOH A . 
C 2 HOH 33 77 77 HOH HOH A . 
C 2 HOH 34 78 78 HOH HOH A . 
C 2 HOH 35 79 79 HOH HOH A . 
C 2 HOH 36 80 80 HOH HOH A . 
C 2 HOH 37 84 84 HOH HOH A . 
C 2 HOH 38 86 86 HOH HOH A . 
C 2 HOH 39 87 87 HOH HOH A . 
C 2 HOH 40 88 88 HOH HOH A . 
C 2 HOH 41 89 89 HOH HOH A . 
C 2 HOH 42 90 90 HOH HOH A . 
C 2 HOH 43 91 91 HOH HOH A . 
D 2 HOH 1  27 27 HOH HOH B . 
D 2 HOH 2  29 29 HOH HOH B . 
D 2 HOH 3  30 30 HOH HOH B . 
D 2 HOH 4  34 34 HOH HOH B . 
D 2 HOH 5  39 39 HOH HOH B . 
D 2 HOH 6  45 45 HOH HOH B . 
D 2 HOH 7  47 47 HOH HOH B . 
D 2 HOH 8  49 49 HOH HOH B . 
D 2 HOH 9  53 53 HOH HOH B . 
D 2 HOH 10 57 57 HOH HOH B . 
D 2 HOH 11 58 58 HOH HOH B . 
D 2 HOH 12 66 66 HOH HOH B . 
D 2 HOH 13 67 67 HOH HOH B . 
D 2 HOH 14 68 68 HOH HOH B . 
D 2 HOH 15 69 69 HOH HOH B . 
D 2 HOH 16 70 70 HOH HOH B . 
D 2 HOH 17 71 71 HOH HOH B . 
D 2 HOH 18 73 73 HOH HOH B . 
D 2 HOH 19 75 75 HOH HOH B . 
D 2 HOH 20 76 76 HOH HOH B . 
D 2 HOH 21 81 81 HOH HOH B . 
D 2 HOH 22 82 82 HOH HOH B . 
D 2 HOH 23 83 83 HOH HOH B . 
D 2 HOH 24 85 85 HOH HOH B . 
# 
_software.name             NUCLSQ 
_software.classification   refinement 
_software.version          . 
_software.citation_id      ? 
_software.pdbx_ordinal     1 
# 
_cell.entry_id           1D75 
_cell.length_a           25.480 
_cell.length_b           41.840 
_cell.length_c           64.910 
_cell.angle_alpha        90.00 
_cell.angle_beta         90.00 
_cell.angle_gamma        90.00 
_cell.Z_PDB              8 
_cell.pdbx_unique_axis   ? 
# 
_symmetry.entry_id                         1D75 
_symmetry.space_group_name_H-M             'P 21 21 21' 
_symmetry.pdbx_full_space_group_name_H-M   ? 
_symmetry.cell_setting                     ? 
_symmetry.Int_Tables_number                19 
# 
_exptl.entry_id          1D75 
_exptl.method            'X-RAY DIFFRACTION' 
_exptl.crystals_number   ? 
# 
_exptl_crystal.id                    1 
_exptl_crystal.density_meas          ? 
_exptl_crystal.density_Matthews      2.34 
_exptl_crystal.density_percent_sol   47.34 
_exptl_crystal.description           ? 
# 
_exptl_crystal_grow.crystal_id      1 
_exptl_crystal_grow.method          'VAPOR DIFFUSION, SITTING DROP' 
_exptl_crystal_grow.temp            277.00 
_exptl_crystal_grow.temp_details    ? 
_exptl_crystal_grow.pH              7.40 
_exptl_crystal_grow.pdbx_details    'pH 7.40, VAPOR DIFFUSION, SITTING DROP, temperature 277.00K' 
_exptl_crystal_grow.pdbx_pH_range   ? 
# 
loop_
_exptl_crystal_grow_comp.crystal_id 
_exptl_crystal_grow_comp.id 
_exptl_crystal_grow_comp.sol_id 
_exptl_crystal_grow_comp.name 
_exptl_crystal_grow_comp.volume 
_exptl_crystal_grow_comp.conc 
_exptl_crystal_grow_comp.details 
1 1 1 WATER           ? ? ? 
1 2 1 MPD             ? ? ? 
1 3 1 'NA CACODYLATE' ? ? ? 
1 4 1 'MG ACETATE'    ? ? ? 
1 5 1 SPERMINE        ? ? ? 
# 
_diffrn.id                     1 
_diffrn.ambient_temp           297.00 
_diffrn.ambient_temp_details   ? 
_diffrn.crystal_id             1 
# 
_diffrn_detector.diffrn_id              1 
_diffrn_detector.detector               DIFFRACTOMETER 
_diffrn_detector.type                   'RIGAKU AFC-5' 
_diffrn_detector.pdbx_collection_date   ? 
_diffrn_detector.details                ? 
# 
_diffrn_radiation.diffrn_id                        1 
_diffrn_radiation.wavelength_id                    1 
_diffrn_radiation.pdbx_monochromatic_or_laue_m_l   ? 
_diffrn_radiation.monochromator                    ? 
_diffrn_radiation.pdbx_diffrn_protocol             ? 
_diffrn_radiation.pdbx_scattering_type             x-ray 
# 
_diffrn_radiation_wavelength.id           1 
_diffrn_radiation_wavelength.wavelength   . 
_diffrn_radiation_wavelength.wt           1.0 
# 
_diffrn_source.diffrn_id                   1 
_diffrn_source.source                      'ROTATING ANODE' 
_diffrn_source.type                        ? 
_diffrn_source.pdbx_synchrotron_site       ? 
_diffrn_source.pdbx_synchrotron_beamline   ? 
_diffrn_source.pdbx_wavelength             ? 
_diffrn_source.pdbx_wavelength_list        ? 
# 
_reflns.entry_id                     1D75 
_reflns.observed_criterion_sigma_I   ? 
_reflns.observed_criterion_sigma_F   5.000 
_reflns.d_resolution_low             ? 
_reflns.d_resolution_high            2.200 
_reflns.number_obs                   3485 
_reflns.number_all                   5624 
_reflns.percent_possible_obs         ? 
_reflns.pdbx_Rmerge_I_obs            ? 
_reflns.pdbx_Rsym_value              ? 
_reflns.pdbx_netI_over_sigmaI        ? 
_reflns.B_iso_Wilson_estimate        ? 
_reflns.pdbx_redundancy              ? 
_reflns.pdbx_diffrn_id               1 
_reflns.pdbx_ordinal                 1 
# 
_refine.entry_id                                 1D75 
_refine.ls_number_reflns_obs                     1119 
_refine.ls_number_reflns_all                     ? 
_refine.pdbx_ls_sigma_I                          ? 
_refine.pdbx_ls_sigma_F                          2.000 
_refine.pdbx_data_cutoff_high_absF               ? 
_refine.pdbx_data_cutoff_low_absF                ? 
_refine.pdbx_data_cutoff_high_rms_absF           ? 
_refine.ls_d_res_low                             7.000 
_refine.ls_d_res_high                            2.800 
_refine.ls_percent_reflns_obs                    ? 
_refine.ls_R_factor_obs                          0.151 
_refine.ls_R_factor_all                          ? 
_refine.ls_R_factor_R_work                       ? 
_refine.ls_R_factor_R_free                       ? 
_refine.ls_R_factor_R_free_error                 ? 
_refine.ls_R_factor_R_free_error_details         ? 
_refine.ls_percent_reflns_R_free                 ? 
_refine.ls_number_reflns_R_free                  ? 
_refine.ls_number_parameters                     ? 
_refine.ls_number_restraints                     ? 
_refine.occupancy_min                            ? 
_refine.occupancy_max                            ? 
_refine.B_iso_mean                               ? 
_refine.aniso_B[1][1]                            ? 
_refine.aniso_B[2][2]                            ? 
_refine.aniso_B[3][3]                            ? 
_refine.aniso_B[1][2]                            ? 
_refine.aniso_B[1][3]                            ? 
_refine.aniso_B[2][3]                            ? 
_refine.solvent_model_details                    ? 
_refine.solvent_model_param_ksol                 ? 
_refine.solvent_model_param_bsol                 ? 
_refine.pdbx_ls_cross_valid_method               ? 
_refine.details                                  ? 
_refine.pdbx_starting_model                      ? 
_refine.pdbx_method_to_determine_struct          ? 
_refine.pdbx_isotropic_thermal_model             ? 
_refine.pdbx_stereochemistry_target_values       ? 
_refine.pdbx_stereochem_target_val_spec_case     ? 
_refine.pdbx_R_Free_selection_details            ? 
_refine.pdbx_overall_ESU_R                       ? 
_refine.pdbx_overall_ESU_R_Free                  ? 
_refine.overall_SU_ML                            ? 
_refine.overall_SU_B                             ? 
_refine.pdbx_refine_id                           'X-RAY DIFFRACTION' 
_refine.pdbx_diffrn_id                           1 
_refine.pdbx_TLS_residual_ADP_flag               ? 
_refine.correlation_coeff_Fo_to_Fc               ? 
_refine.correlation_coeff_Fo_to_Fc_free          ? 
_refine.pdbx_solvent_vdw_probe_radii             ? 
_refine.pdbx_solvent_ion_probe_radii             ? 
_refine.pdbx_solvent_shrinkage_radii             ? 
_refine.pdbx_overall_phase_error                 ? 
_refine.overall_SU_R_Cruickshank_DPI             ? 
_refine.pdbx_overall_SU_R_free_Cruickshank_DPI   ? 
_refine.pdbx_overall_SU_R_Blow_DPI               ? 
_refine.pdbx_overall_SU_R_free_Blow_DPI          ? 
# 
_refine_hist.pdbx_refine_id                   'X-RAY DIFFRACTION' 
_refine_hist.cycle_id                         LAST 
_refine_hist.pdbx_number_atoms_protein        0 
_refine_hist.pdbx_number_atoms_nucleic_acid   490 
_refine_hist.pdbx_number_atoms_ligand         2 
_refine_hist.number_atoms_solvent             67 
_refine_hist.number_atoms_total               559 
_refine_hist.d_res_high                       2.800 
_refine_hist.d_res_low                        7.000 
# 
loop_
_refine_ls_restr.type 
_refine_ls_restr.dev_ideal 
_refine_ls_restr.dev_ideal_target 
_refine_ls_restr.weight 
_refine_ls_restr.number 
_refine_ls_restr.pdbx_refine_id 
_refine_ls_restr.pdbx_restraint_function 
n_bond_d               ?     ? ? ? 'X-RAY DIFFRACTION' ? 
n_angle_d              ?     ? ? ? 'X-RAY DIFFRACTION' ? 
n_planar_d             ?     ? ? ? 'X-RAY DIFFRACTION' ? 
n_hb_or_metal_coord    ?     ? ? ? 'X-RAY DIFFRACTION' ? 
n_sugar_bond_it        ?     ? ? ? 'X-RAY DIFFRACTION' ? 
n_sugar_angle_it       ?     ? ? ? 'X-RAY DIFFRACTION' ? 
n_phos_bond_it         ?     ? ? ? 'X-RAY DIFFRACTION' ? 
n_phos_angle_it        ?     ? ? ? 'X-RAY DIFFRACTION' ? 
n_bond_angle_restr     ?     ? ? ? 'X-RAY DIFFRACTION' ? 
n_dihedral_angle_restr ?     ? ? ? 'X-RAY DIFFRACTION' ? 
n_impr_tor             ?     ? ? ? 'X-RAY DIFFRACTION' ? 
n_sugar_bond_d         0.009 ? ? ? 'X-RAY DIFFRACTION' ? 
n_sugar_bond_angle_d   0.022 ? ? ? 'X-RAY DIFFRACTION' ? 
n_phos_bond_d          0.006 ? ? ? 'X-RAY DIFFRACTION' ? 
n_phos_bond_angle_d    0.016 ? ? ? 'X-RAY DIFFRACTION' ? 
n_plane_restr          ?     ? ? ? 'X-RAY DIFFRACTION' ? 
n_chiral_restr         ?     ? ? ? 'X-RAY DIFFRACTION' ? 
n_singtor_nbd          ?     ? ? ? 'X-RAY DIFFRACTION' ? 
n_multtor_nbd          ?     ? ? ? 'X-RAY DIFFRACTION' ? 
n_xhyhbond_nbd         ?     ? ? ? 'X-RAY DIFFRACTION' ? 
# 
_struct.entry_id                  1D75 
_struct.title                     
'CONFORMATION OF THE GUANINE.8-OXOADENINE BASE PAIRS IN THE CRYSTAL STRUCTURE OF D(CGCGAATT(O8A)GCG)' 
_struct.pdbx_model_details        ? 
_struct.pdbx_CASP_flag            ? 
_struct.pdbx_model_type_details   ? 
# 
_struct_keywords.entry_id        1D75 
_struct_keywords.pdbx_keywords   DNA 
_struct_keywords.text            'B-DNA, DOUBLE HELIX, MODIFIED, MISMATCHED, DNA' 
# 
loop_
_struct_asym.id 
_struct_asym.pdbx_blank_PDB_chainid_flag 
_struct_asym.pdbx_modified 
_struct_asym.entity_id 
_struct_asym.details 
A N N 1 ? 
B N N 1 ? 
C N N 2 ? 
D N N 2 ? 
# 
_struct_ref.id                         1 
_struct_ref.entity_id                  1 
_struct_ref.db_name                    PDB 
_struct_ref.db_code                    1D75 
_struct_ref.pdbx_db_accession          1D75 
_struct_ref.pdbx_db_isoform            ? 
_struct_ref.pdbx_seq_one_letter_code   ? 
_struct_ref.pdbx_align_begin           ? 
# 
loop_
_struct_ref_seq.align_id 
_struct_ref_seq.ref_id 
_struct_ref_seq.pdbx_PDB_id_code 
_struct_ref_seq.pdbx_strand_id 
_struct_ref_seq.seq_align_beg 
_struct_ref_seq.pdbx_seq_align_beg_ins_code 
_struct_ref_seq.seq_align_end 
_struct_ref_seq.pdbx_seq_align_end_ins_code 
_struct_ref_seq.pdbx_db_accession 
_struct_ref_seq.db_align_beg 
_struct_ref_seq.pdbx_db_align_beg_ins_code 
_struct_ref_seq.db_align_end 
_struct_ref_seq.pdbx_db_align_end_ins_code 
_struct_ref_seq.pdbx_auth_seq_align_beg 
_struct_ref_seq.pdbx_auth_seq_align_end 
1 1 1D75 A 1 ? 12 ? 1D75 1  ? 12 ? 1  12 
2 1 1D75 B 1 ? 12 ? 1D75 13 ? 24 ? 13 24 
# 
_pdbx_struct_assembly.id                   1 
_pdbx_struct_assembly.details              author_defined_assembly 
_pdbx_struct_assembly.method_details       ? 
_pdbx_struct_assembly.oligomeric_details   dimeric 
_pdbx_struct_assembly.oligomeric_count     2 
# 
_pdbx_struct_assembly_gen.assembly_id       1 
_pdbx_struct_assembly_gen.oper_expression   1 
_pdbx_struct_assembly_gen.asym_id_list      A,B,C,D 
# 
_pdbx_struct_oper_list.id                   1 
_pdbx_struct_oper_list.type                 'identity operation' 
_pdbx_struct_oper_list.name                 1_555 
_pdbx_struct_oper_list.symmetry_operation   x,y,z 
_pdbx_struct_oper_list.matrix[1][1]         1.0000000000 
_pdbx_struct_oper_list.matrix[1][2]         0.0000000000 
_pdbx_struct_oper_list.matrix[1][3]         0.0000000000 
_pdbx_struct_oper_list.vector[1]            0.0000000000 
_pdbx_struct_oper_list.matrix[2][1]         0.0000000000 
_pdbx_struct_oper_list.matrix[2][2]         1.0000000000 
_pdbx_struct_oper_list.matrix[2][3]         0.0000000000 
_pdbx_struct_oper_list.vector[2]            0.0000000000 
_pdbx_struct_oper_list.matrix[3][1]         0.0000000000 
_pdbx_struct_oper_list.matrix[3][2]         0.0000000000 
_pdbx_struct_oper_list.matrix[3][3]         1.0000000000 
_pdbx_struct_oper_list.vector[3]            0.0000000000 
# 
_struct_biol.id   1 
# 
loop_
_struct_conn.id 
_struct_conn.conn_type_id 
_struct_conn.pdbx_leaving_atom_flag 
_struct_conn.pdbx_PDB_id 
_struct_conn.ptnr1_label_asym_id 
_struct_conn.ptnr1_label_comp_id 
_struct_conn.ptnr1_label_seq_id 
_struct_conn.ptnr1_label_atom_id 
_struct_conn.pdbx_ptnr1_label_alt_id 
_struct_conn.pdbx_ptnr1_PDB_ins_code 
_struct_conn.pdbx_ptnr1_standard_comp_id 
_struct_conn.ptnr1_symmetry 
_struct_conn.ptnr2_label_asym_id 
_struct_conn.ptnr2_label_comp_id 
_struct_conn.ptnr2_label_seq_id 
_struct_conn.ptnr2_label_atom_id 
_struct_conn.pdbx_ptnr2_label_alt_id 
_struct_conn.pdbx_ptnr2_PDB_ins_code 
_struct_conn.ptnr1_auth_asym_id 
_struct_conn.ptnr1_auth_comp_id 
_struct_conn.ptnr1_auth_seq_id 
_struct_conn.ptnr2_auth_asym_id 
_struct_conn.ptnr2_auth_comp_id 
_struct_conn.ptnr2_auth_seq_id 
_struct_conn.ptnr2_symmetry 
_struct_conn.pdbx_ptnr3_label_atom_id 
_struct_conn.pdbx_ptnr3_label_seq_id 
_struct_conn.pdbx_ptnr3_label_comp_id 
_struct_conn.pdbx_ptnr3_label_asym_id 
_struct_conn.pdbx_ptnr3_label_alt_id 
_struct_conn.pdbx_ptnr3_PDB_ins_code 
_struct_conn.details 
_struct_conn.pdbx_dist_value 
_struct_conn.pdbx_value_order 
_struct_conn.pdbx_role 
covale1  covale both ? A DT  8  "O3'" ? ? ? 1_555 A A38 9  P  ? ? A DT  8  A A38 9  1_555 ? ? ? ? ? ? ?            1.607 ? ? 
covale2  covale one  ? A A38 9  "O3'" ? ? ? 1_555 A DG  10 P  ? ? A A38 9  A DG  10 1_555 ? ? ? ? ? ? ?            1.600 ? ? 
covale3  covale both ? B DT  8  "O3'" ? ? ? 1_555 B A38 9  P  ? ? B DT  20 B A38 21 1_555 ? ? ? ? ? ? ?            1.606 ? ? 
covale4  covale one  ? B A38 9  "O3'" ? ? ? 1_555 B DG  10 P  ? ? B A38 21 B DG  22 1_555 ? ? ? ? ? ? ?            1.597 ? ? 
hydrog1  hydrog ?    ? A DC  1  N3    ? ? ? 1_555 B DG  12 N1 ? ? A DC  1  B DG  24 1_555 ? ? ? ? ? ? WATSON-CRICK ?     ? ? 
hydrog2  hydrog ?    ? A DC  1  N4    ? ? ? 1_555 B DG  12 O6 ? ? A DC  1  B DG  24 1_555 ? ? ? ? ? ? WATSON-CRICK ?     ? ? 
hydrog3  hydrog ?    ? A DC  1  O2    ? ? ? 1_555 B DG  12 N2 ? ? A DC  1  B DG  24 1_555 ? ? ? ? ? ? WATSON-CRICK ?     ? ? 
hydrog4  hydrog ?    ? A DG  2  N1    ? ? ? 1_555 B DC  11 N3 ? ? A DG  2  B DC  23 1_555 ? ? ? ? ? ? WATSON-CRICK ?     ? ? 
hydrog5  hydrog ?    ? A DG  2  N2    ? ? ? 1_555 B DC  11 O2 ? ? A DG  2  B DC  23 1_555 ? ? ? ? ? ? WATSON-CRICK ?     ? ? 
hydrog6  hydrog ?    ? A DG  2  O6    ? ? ? 1_555 B DC  11 N4 ? ? A DG  2  B DC  23 1_555 ? ? ? ? ? ? WATSON-CRICK ?     ? ? 
hydrog7  hydrog ?    ? A DC  3  N3    ? ? ? 1_555 B DG  10 N1 ? ? A DC  3  B DG  22 1_555 ? ? ? ? ? ? WATSON-CRICK ?     ? ? 
hydrog8  hydrog ?    ? A DC  3  N4    ? ? ? 1_555 B DG  10 O6 ? ? A DC  3  B DG  22 1_555 ? ? ? ? ? ? WATSON-CRICK ?     ? ? 
hydrog9  hydrog ?    ? A DC  3  O2    ? ? ? 1_555 B DG  10 N2 ? ? A DC  3  B DG  22 1_555 ? ? ? ? ? ? WATSON-CRICK ?     ? ? 
hydrog10 hydrog ?    ? A DG  4  N1    ? ? ? 1_555 B A38 9  N7 ? ? A DG  4  B A38 21 1_555 ? ? ? ? ? ? TYPE_9_PAIR  ?     ? ? 
hydrog11 hydrog ?    ? A DG  4  O6    ? ? ? 1_555 B A38 9  N6 ? ? A DG  4  B A38 21 1_555 ? ? ? ? ? ? TYPE_9_PAIR  ?     ? ? 
hydrog12 hydrog ?    ? A DA  5  N1    ? ? ? 1_555 B DT  8  N3 ? ? A DA  5  B DT  20 1_555 ? ? ? ? ? ? WATSON-CRICK ?     ? ? 
hydrog13 hydrog ?    ? A DA  5  N6    ? ? ? 1_555 B DT  8  O4 ? ? A DA  5  B DT  20 1_555 ? ? ? ? ? ? WATSON-CRICK ?     ? ? 
hydrog14 hydrog ?    ? A DA  6  N1    ? ? ? 1_555 B DT  7  N3 ? ? A DA  6  B DT  19 1_555 ? ? ? ? ? ? WATSON-CRICK ?     ? ? 
hydrog15 hydrog ?    ? A DA  6  N6    ? ? ? 1_555 B DT  7  O4 ? ? A DA  6  B DT  19 1_555 ? ? ? ? ? ? WATSON-CRICK ?     ? ? 
hydrog16 hydrog ?    ? A DT  7  N3    ? ? ? 1_555 B DA  6  N1 ? ? A DT  7  B DA  18 1_555 ? ? ? ? ? ? WATSON-CRICK ?     ? ? 
hydrog17 hydrog ?    ? A DT  7  O4    ? ? ? 1_555 B DA  6  N6 ? ? A DT  7  B DA  18 1_555 ? ? ? ? ? ? WATSON-CRICK ?     ? ? 
hydrog18 hydrog ?    ? A DT  8  N3    ? ? ? 1_555 B DA  5  N1 ? ? A DT  8  B DA  17 1_555 ? ? ? ? ? ? WATSON-CRICK ?     ? ? 
hydrog19 hydrog ?    ? A DT  8  O4    ? ? ? 1_555 B DA  5  N6 ? ? A DT  8  B DA  17 1_555 ? ? ? ? ? ? WATSON-CRICK ?     ? ? 
hydrog20 hydrog ?    ? A A38 9  N6    ? ? ? 1_555 B DG  4  O6 ? ? A A38 9  B DG  16 1_555 ? ? ? ? ? ? TYPE_9_PAIR  ?     ? ? 
hydrog21 hydrog ?    ? A A38 9  N7    ? ? ? 1_555 B DG  4  N1 ? ? A A38 9  B DG  16 1_555 ? ? ? ? ? ? TYPE_9_PAIR  ?     ? ? 
hydrog22 hydrog ?    ? A DG  10 N1    ? ? ? 1_555 B DC  3  N3 ? ? A DG  10 B DC  15 1_555 ? ? ? ? ? ? WATSON-CRICK ?     ? ? 
hydrog23 hydrog ?    ? A DG  10 N2    ? ? ? 1_555 B DC  3  O2 ? ? A DG  10 B DC  15 1_555 ? ? ? ? ? ? WATSON-CRICK ?     ? ? 
hydrog24 hydrog ?    ? A DG  10 O6    ? ? ? 1_555 B DC  3  N4 ? ? A DG  10 B DC  15 1_555 ? ? ? ? ? ? WATSON-CRICK ?     ? ? 
hydrog25 hydrog ?    ? A DC  11 N3    ? ? ? 1_555 B DG  2  N1 ? ? A DC  11 B DG  14 1_555 ? ? ? ? ? ? WATSON-CRICK ?     ? ? 
hydrog26 hydrog ?    ? A DC  11 N4    ? ? ? 1_555 B DG  2  O6 ? ? A DC  11 B DG  14 1_555 ? ? ? ? ? ? WATSON-CRICK ?     ? ? 
hydrog27 hydrog ?    ? A DC  11 O2    ? ? ? 1_555 B DG  2  N2 ? ? A DC  11 B DG  14 1_555 ? ? ? ? ? ? WATSON-CRICK ?     ? ? 
hydrog28 hydrog ?    ? A DG  12 N1    ? ? ? 1_555 B DC  1  N3 ? ? A DG  12 B DC  13 1_555 ? ? ? ? ? ? WATSON-CRICK ?     ? ? 
hydrog29 hydrog ?    ? A DG  12 N2    ? ? ? 1_555 B DC  1  O2 ? ? A DG  12 B DC  13 1_555 ? ? ? ? ? ? WATSON-CRICK ?     ? ? 
hydrog30 hydrog ?    ? A DG  12 O6    ? ? ? 1_555 B DC  1  N4 ? ? A DG  12 B DC  13 1_555 ? ? ? ? ? ? WATSON-CRICK ?     ? ? 
# 
loop_
_struct_conn_type.id 
_struct_conn_type.criteria 
_struct_conn_type.reference 
covale ? ? 
hydrog ? ? 
# 
loop_
_pdbx_validate_rmsd_angle.id 
_pdbx_validate_rmsd_angle.PDB_model_num 
_pdbx_validate_rmsd_angle.auth_atom_id_1 
_pdbx_validate_rmsd_angle.auth_asym_id_1 
_pdbx_validate_rmsd_angle.auth_comp_id_1 
_pdbx_validate_rmsd_angle.auth_seq_id_1 
_pdbx_validate_rmsd_angle.PDB_ins_code_1 
_pdbx_validate_rmsd_angle.label_alt_id_1 
_pdbx_validate_rmsd_angle.auth_atom_id_2 
_pdbx_validate_rmsd_angle.auth_asym_id_2 
_pdbx_validate_rmsd_angle.auth_comp_id_2 
_pdbx_validate_rmsd_angle.auth_seq_id_2 
_pdbx_validate_rmsd_angle.PDB_ins_code_2 
_pdbx_validate_rmsd_angle.label_alt_id_2 
_pdbx_validate_rmsd_angle.auth_atom_id_3 
_pdbx_validate_rmsd_angle.auth_asym_id_3 
_pdbx_validate_rmsd_angle.auth_comp_id_3 
_pdbx_validate_rmsd_angle.auth_seq_id_3 
_pdbx_validate_rmsd_angle.PDB_ins_code_3 
_pdbx_validate_rmsd_angle.label_alt_id_3 
_pdbx_validate_rmsd_angle.angle_value 
_pdbx_validate_rmsd_angle.angle_target_value 
_pdbx_validate_rmsd_angle.angle_deviation 
_pdbx_validate_rmsd_angle.angle_standard_deviation 
_pdbx_validate_rmsd_angle.linker_flag 
1  1 "O4'" A DC  1  ? ? "C1'" A DC  1  ? ? N1    A DC 1  ? ? 111.06 108.30 2.76  0.30 N 
2  1 "O4'" A DG  2  ? ? "C4'" A DG  2  ? ? "C3'" A DG 2  ? ? 101.60 104.50 -2.90 0.40 N 
3  1 "C1'" A DG  2  ? ? "O4'" A DG  2  ? ? "C4'" A DG 2  ? ? 103.90 110.10 -6.20 1.00 N 
4  1 "O4'" A DG  2  ? ? "C1'" A DG  2  ? ? N9    A DG 2  ? ? 110.60 108.30 2.30  0.30 N 
5  1 C6    A DG  2  ? ? N1    A DG  2  ? ? C2    A DG 2  ? ? 121.49 125.10 -3.61 0.60 N 
6  1 C5    A DG  2  ? ? C6    A DG  2  ? ? N1    A DG 2  ? ? 115.06 111.50 3.56  0.50 N 
7  1 "O4'" A DC  3  ? ? "C1'" A DC  3  ? ? N1    A DC 3  ? ? 113.48 108.30 5.18  0.30 N 
8  1 "C3'" A DC  3  ? ? "O3'" A DC  3  ? ? P     A DG 4  ? ? 127.51 119.70 7.81  1.20 Y 
9  1 "C1'" A DG  4  ? ? "O4'" A DG  4  ? ? "C4'" A DG 4  ? ? 101.69 110.10 -8.41 1.00 N 
10 1 "O4'" A DG  4  ? ? "C1'" A DG  4  ? ? N9    A DG 4  ? ? 112.08 108.30 3.78  0.30 N 
11 1 C5    A DG  4  ? ? C6    A DG  4  ? ? N1    A DG 4  ? ? 114.68 111.50 3.18  0.50 N 
12 1 "O5'" A DA  5  ? ? "C5'" A DA  5  ? ? "C4'" A DA 5  ? ? 103.96 109.40 -5.44 0.80 N 
13 1 "O4'" A DA  5  ? ? "C1'" A DA  5  ? ? N9    A DA 5  ? ? 110.20 108.30 1.90  0.30 N 
14 1 C6    A DA  5  ? ? N1    A DA  5  ? ? C2    A DA 5  ? ? 122.33 118.60 3.73  0.60 N 
15 1 N1    A DA  5  ? ? C2    A DA  5  ? ? N3    A DA 5  ? ? 125.51 129.30 -3.79 0.50 N 
16 1 "C1'" A DA  6  ? ? "O4'" A DA  6  ? ? "C4'" A DA 6  ? ? 103.12 110.10 -6.98 1.00 N 
17 1 C6    A DA  6  ? ? N1    A DA  6  ? ? C2    A DA 6  ? ? 122.33 118.60 3.73  0.60 N 
18 1 N1    A DA  6  ? ? C2    A DA  6  ? ? N3    A DA 6  ? ? 125.84 129.30 -3.46 0.50 N 
19 1 C5    A DA  6  ? ? C6    A DA  6  ? ? N1    A DA 6  ? ? 114.47 117.70 -3.23 0.50 N 
20 1 "O5'" A DT  7  ? ? "C5'" A DT  7  ? ? "C4'" A DT 7  ? ? 104.38 109.40 -5.02 0.80 N 
21 1 "C1'" A DT  7  ? ? "O4'" A DT  7  ? ? "C4'" A DT 7  ? ? 103.44 110.10 -6.66 1.00 N 
22 1 "O4'" A DT  7  ? ? "C1'" A DT  7  ? ? N1    A DT 7  ? ? 113.01 108.30 4.71  0.30 N 
23 1 C2    A DT  7  ? ? N3    A DT  7  ? ? C4    A DT 7  ? ? 122.34 127.20 -4.86 0.60 N 
24 1 N3    A DT  7  ? ? C4    A DT  7  ? ? C5    A DT 7  ? ? 118.83 115.20 3.63  0.60 N 
25 1 "O4'" A DT  8  ? ? "C1'" A DT  8  ? ? N1    A DT 8  ? ? 110.87 108.30 2.57  0.30 N 
26 1 C2    A DT  8  ? ? N3    A DT  8  ? ? C4    A DT 8  ? ? 123.26 127.20 -3.94 0.60 N 
27 1 N3    A DT  8  ? ? C4    A DT  8  ? ? O4    A DT 8  ? ? 116.20 119.90 -3.70 0.60 N 
28 1 "O4'" A DG  10 ? ? "C4'" A DG  10 ? ? "C3'" A DG 10 ? ? 100.91 104.50 -3.59 0.40 N 
29 1 "O4'" A DG  10 ? ? "C1'" A DG  10 ? ? N9    A DG 10 ? ? 110.41 108.30 2.11  0.30 N 
30 1 C6    A DG  10 ? ? N1    A DG  10 ? ? C2    A DG 10 ? ? 121.45 125.10 -3.65 0.60 N 
31 1 C5    A DG  10 ? ? C6    A DG  10 ? ? N1    A DG 10 ? ? 114.67 111.50 3.17  0.50 N 
32 1 "C1'" A DC  11 ? ? "O4'" A DC  11 ? ? "C4'" A DC 11 ? ? 103.22 110.10 -6.88 1.00 N 
33 1 "O4'" A DC  11 ? ? "C1'" A DC  11 ? ? N1    A DC 11 ? ? 110.54 108.30 2.24  0.30 N 
34 1 "O4'" A DG  12 ? ? "C1'" A DG  12 ? ? N9    A DG 12 ? ? 112.66 108.30 4.36  0.30 N 
35 1 C6    A DG  12 ? ? N1    A DG  12 ? ? C2    A DG 12 ? ? 121.23 125.10 -3.87 0.60 N 
36 1 C5    A DG  12 ? ? C6    A DG  12 ? ? N1    A DG 12 ? ? 115.45 111.50 3.95  0.50 N 
37 1 "O4'" B DC  13 ? ? "C1'" B DC  13 ? ? N1    B DC 13 ? ? 114.51 108.30 6.21  0.30 N 
38 1 N3    B DC  13 ? ? C4    B DC  13 ? ? N4    B DC 13 ? ? 122.22 118.00 4.22  0.70 N 
39 1 "O4'" B DG  14 ? ? "C1'" B DG  14 ? ? N9    B DG 14 ? ? 112.64 108.30 4.34  0.30 N 
40 1 "O4'" B DC  15 ? ? "C4'" B DC  15 ? ? "C3'" B DC 15 ? ? 101.82 104.50 -2.68 0.40 N 
41 1 "O4'" B DC  15 ? ? "C1'" B DC  15 ? ? N1    B DC 15 ? ? 112.86 108.30 4.56  0.30 N 
42 1 "O4'" B DG  16 ? ? "C1'" B DG  16 ? ? N9    B DG 16 ? ? 114.43 108.30 6.13  0.30 N 
43 1 C5    B DG  16 ? ? C6    B DG  16 ? ? N1    B DG 16 ? ? 114.61 111.50 3.11  0.50 N 
44 1 C6    B DA  17 ? ? N1    B DA  17 ? ? C2    B DA 17 ? ? 122.28 118.60 3.68  0.60 N 
45 1 N1    B DA  17 ? ? C2    B DA  17 ? ? N3    B DA 17 ? ? 125.93 129.30 -3.37 0.50 N 
46 1 C5    B DA  17 ? ? C6    B DA  17 ? ? N1    B DA 17 ? ? 114.57 117.70 -3.13 0.50 N 
47 1 "O4'" B DA  18 ? ? "C1'" B DA  18 ? ? N9    B DA 18 ? ? 111.10 108.30 2.80  0.30 N 
48 1 N1    B DA  18 ? ? C2    B DA  18 ? ? N3    B DA 18 ? ? 126.11 129.30 -3.19 0.50 N 
49 1 "O4'" B DT  19 ? ? "C1'" B DT  19 ? ? N1    B DT 19 ? ? 110.61 108.30 2.31  0.30 N 
50 1 C2    B DT  19 ? ? N3    B DT  19 ? ? C4    B DT 19 ? ? 123.05 127.20 -4.15 0.60 N 
51 1 N3    B DT  19 ? ? C4    B DT  19 ? ? C5    B DT 19 ? ? 119.05 115.20 3.85  0.60 N 
52 1 "O4'" B DT  20 ? ? "C1'" B DT  20 ? ? N1    B DT 20 ? ? 113.07 108.30 4.77  0.30 N 
53 1 C2    B DT  20 ? ? N3    B DT  20 ? ? C4    B DT 20 ? ? 122.87 127.20 -4.33 0.60 N 
54 1 "C3'" B A38 21 ? ? "O3'" B A38 21 ? ? P     B DG 22 ? ? 131.19 119.70 11.49 1.20 Y 
55 1 "C3'" B DG  22 ? ? "C2'" B DG  22 ? ? "C1'" B DG 22 ? ? 97.30  102.40 -5.10 0.80 N 
56 1 "O4'" B DG  22 ? ? "C1'" B DG  22 ? ? N9    B DG 22 ? ? 116.63 108.30 8.33  0.30 N 
57 1 C6    B DG  22 ? ? N1    B DG  22 ? ? C2    B DG 22 ? ? 121.37 125.10 -3.73 0.60 N 
58 1 C5    B DG  22 ? ? C6    B DG  22 ? ? N1    B DG 22 ? ? 115.09 111.50 3.59  0.50 N 
59 1 "O4'" B DC  23 ? ? "C1'" B DC  23 ? ? N1    B DC 23 ? ? 115.37 108.30 7.07  0.30 N 
60 1 "O4'" B DG  24 ? ? "C1'" B DG  24 ? ? N9    B DG 24 ? ? 111.75 108.30 3.45  0.30 N 
61 1 C6    B DG  24 ? ? N1    B DG  24 ? ? C2    B DG 24 ? ? 121.29 125.10 -3.81 0.60 N 
62 1 C5    B DG  24 ? ? C6    B DG  24 ? ? N1    B DG 24 ? ? 115.17 111.50 3.67  0.50 N 
# 
loop_
_pdbx_struct_mod_residue.id 
_pdbx_struct_mod_residue.label_asym_id 
_pdbx_struct_mod_residue.label_comp_id 
_pdbx_struct_mod_residue.label_seq_id 
_pdbx_struct_mod_residue.auth_asym_id 
_pdbx_struct_mod_residue.auth_comp_id 
_pdbx_struct_mod_residue.auth_seq_id 
_pdbx_struct_mod_residue.PDB_ins_code 
_pdbx_struct_mod_residue.parent_comp_id 
_pdbx_struct_mod_residue.details 
1 A A38 9 A A38 9  ? DA 
;8-OXY DEOXYADENOSINE-5'-MONOPHOSPHATE
;
2 B A38 9 B A38 21 ? DA 
;8-OXY DEOXYADENOSINE-5'-MONOPHOSPHATE
;
# 
loop_
_refine_B_iso.class 
_refine_B_iso.details 
_refine_B_iso.treatment 
_refine_B_iso.pdbx_refine_id 
'ALL ATOMS'  TR isotropic 'X-RAY DIFFRACTION' 
'ALL WATERS' TR isotropic 'X-RAY DIFFRACTION' 
# 
loop_
_refine_occupancy.class 
_refine_occupancy.treatment 
_refine_occupancy.pdbx_refine_id 
'ALL ATOMS'  fix 'X-RAY DIFFRACTION' 
'ALL WATERS' fix 'X-RAY DIFFRACTION' 
# 
loop_
_chem_comp_atom.comp_id 
_chem_comp_atom.atom_id 
_chem_comp_atom.type_symbol 
_chem_comp_atom.pdbx_aromatic_flag 
_chem_comp_atom.pdbx_stereo_config 
_chem_comp_atom.pdbx_ordinal 
A38 O3P    O N N 1   
A38 P      P N N 2   
A38 O1P    O N N 3   
A38 O2P    O N N 4   
A38 "O5'"  O N N 5   
A38 "C5'"  C N N 6   
A38 "C4'"  C N R 7   
A38 "O4'"  O N N 8   
A38 "C3'"  C N S 9   
A38 "O3'"  O N N 10  
A38 "C2'"  C N N 11  
A38 "C1'"  C N R 12  
A38 N9     N N N 13  
A38 C8     C N N 14  
A38 N7     N N N 15  
A38 C5     C Y N 16  
A38 C6     C Y N 17  
A38 N6     N N N 18  
A38 N1     N Y N 19  
A38 C2     C Y N 20  
A38 N3     N Y N 21  
A38 C4     C Y N 22  
A38 O      O N N 23  
A38 H3P    H N N 24  
A38 H2P    H N N 25  
A38 "H5'1" H N N 26  
A38 "H5'2" H N N 27  
A38 "H4'"  H N N 28  
A38 "H3'"  H N N 29  
A38 HA     H N N 30  
A38 "H2'1" H N N 31  
A38 "H2'2" H N N 32  
A38 "H1'"  H N N 33  
A38 H7     H N N 34  
A38 H6N1   H N N 35  
A38 H6N2   H N N 36  
A38 H2     H N N 37  
DA  OP3    O N N 38  
DA  P      P N N 39  
DA  OP1    O N N 40  
DA  OP2    O N N 41  
DA  "O5'"  O N N 42  
DA  "C5'"  C N N 43  
DA  "C4'"  C N R 44  
DA  "O4'"  O N N 45  
DA  "C3'"  C N S 46  
DA  "O3'"  O N N 47  
DA  "C2'"  C N N 48  
DA  "C1'"  C N R 49  
DA  N9     N Y N 50  
DA  C8     C Y N 51  
DA  N7     N Y N 52  
DA  C5     C Y N 53  
DA  C6     C Y N 54  
DA  N6     N N N 55  
DA  N1     N Y N 56  
DA  C2     C Y N 57  
DA  N3     N Y N 58  
DA  C4     C Y N 59  
DA  HOP3   H N N 60  
DA  HOP2   H N N 61  
DA  "H5'"  H N N 62  
DA  "H5''" H N N 63  
DA  "H4'"  H N N 64  
DA  "H3'"  H N N 65  
DA  "HO3'" H N N 66  
DA  "H2'"  H N N 67  
DA  "H2''" H N N 68  
DA  "H1'"  H N N 69  
DA  H8     H N N 70  
DA  H61    H N N 71  
DA  H62    H N N 72  
DA  H2     H N N 73  
DC  OP3    O N N 74  
DC  P      P N N 75  
DC  OP1    O N N 76  
DC  OP2    O N N 77  
DC  "O5'"  O N N 78  
DC  "C5'"  C N N 79  
DC  "C4'"  C N R 80  
DC  "O4'"  O N N 81  
DC  "C3'"  C N S 82  
DC  "O3'"  O N N 83  
DC  "C2'"  C N N 84  
DC  "C1'"  C N R 85  
DC  N1     N N N 86  
DC  C2     C N N 87  
DC  O2     O N N 88  
DC  N3     N N N 89  
DC  C4     C N N 90  
DC  N4     N N N 91  
DC  C5     C N N 92  
DC  C6     C N N 93  
DC  HOP3   H N N 94  
DC  HOP2   H N N 95  
DC  "H5'"  H N N 96  
DC  "H5''" H N N 97  
DC  "H4'"  H N N 98  
DC  "H3'"  H N N 99  
DC  "HO3'" H N N 100 
DC  "H2'"  H N N 101 
DC  "H2''" H N N 102 
DC  "H1'"  H N N 103 
DC  H41    H N N 104 
DC  H42    H N N 105 
DC  H5     H N N 106 
DC  H6     H N N 107 
DG  OP3    O N N 108 
DG  P      P N N 109 
DG  OP1    O N N 110 
DG  OP2    O N N 111 
DG  "O5'"  O N N 112 
DG  "C5'"  C N N 113 
DG  "C4'"  C N R 114 
DG  "O4'"  O N N 115 
DG  "C3'"  C N S 116 
DG  "O3'"  O N N 117 
DG  "C2'"  C N N 118 
DG  "C1'"  C N R 119 
DG  N9     N Y N 120 
DG  C8     C Y N 121 
DG  N7     N Y N 122 
DG  C5     C Y N 123 
DG  C6     C N N 124 
DG  O6     O N N 125 
DG  N1     N N N 126 
DG  C2     C N N 127 
DG  N2     N N N 128 
DG  N3     N N N 129 
DG  C4     C Y N 130 
DG  HOP3   H N N 131 
DG  HOP2   H N N 132 
DG  "H5'"  H N N 133 
DG  "H5''" H N N 134 
DG  "H4'"  H N N 135 
DG  "H3'"  H N N 136 
DG  "HO3'" H N N 137 
DG  "H2'"  H N N 138 
DG  "H2''" H N N 139 
DG  "H1'"  H N N 140 
DG  H8     H N N 141 
DG  H1     H N N 142 
DG  H21    H N N 143 
DG  H22    H N N 144 
DT  OP3    O N N 145 
DT  P      P N N 146 
DT  OP1    O N N 147 
DT  OP2    O N N 148 
DT  "O5'"  O N N 149 
DT  "C5'"  C N N 150 
DT  "C4'"  C N R 151 
DT  "O4'"  O N N 152 
DT  "C3'"  C N S 153 
DT  "O3'"  O N N 154 
DT  "C2'"  C N N 155 
DT  "C1'"  C N R 156 
DT  N1     N N N 157 
DT  C2     C N N 158 
DT  O2     O N N 159 
DT  N3     N N N 160 
DT  C4     C N N 161 
DT  O4     O N N 162 
DT  C5     C N N 163 
DT  C7     C N N 164 
DT  C6     C N N 165 
DT  HOP3   H N N 166 
DT  HOP2   H N N 167 
DT  "H5'"  H N N 168 
DT  "H5''" H N N 169 
DT  "H4'"  H N N 170 
DT  "H3'"  H N N 171 
DT  "HO3'" H N N 172 
DT  "H2'"  H N N 173 
DT  "H2''" H N N 174 
DT  "H1'"  H N N 175 
DT  H3     H N N 176 
DT  H71    H N N 177 
DT  H72    H N N 178 
DT  H73    H N N 179 
DT  H6     H N N 180 
HOH O      O N N 181 
HOH H1     H N N 182 
HOH H2     H N N 183 
# 
loop_
_chem_comp_bond.comp_id 
_chem_comp_bond.atom_id_1 
_chem_comp_bond.atom_id_2 
_chem_comp_bond.value_order 
_chem_comp_bond.pdbx_aromatic_flag 
_chem_comp_bond.pdbx_stereo_config 
_chem_comp_bond.pdbx_ordinal 
A38 O3P   P      sing N N 1   
A38 O3P   H3P    sing N N 2   
A38 P     O1P    doub N N 3   
A38 P     O2P    sing N N 4   
A38 P     "O5'"  sing N N 5   
A38 O2P   H2P    sing N N 6   
A38 "O5'" "C5'"  sing N N 7   
A38 "C5'" "C4'"  sing N N 8   
A38 "C5'" "H5'1" sing N N 9   
A38 "C5'" "H5'2" sing N N 10  
A38 "C4'" "O4'"  sing N N 11  
A38 "C4'" "C3'"  sing N N 12  
A38 "C4'" "H4'"  sing N N 13  
A38 "O4'" "C1'"  sing N N 14  
A38 "C3'" "O3'"  sing N N 15  
A38 "C3'" "C2'"  sing N N 16  
A38 "C3'" "H3'"  sing N N 17  
A38 "O3'" HA     sing N N 18  
A38 "C2'" "C1'"  sing N N 19  
A38 "C2'" "H2'1" sing N N 20  
A38 "C2'" "H2'2" sing N N 21  
A38 "C1'" N9     sing N N 22  
A38 "C1'" "H1'"  sing N N 23  
A38 N9    C8     sing N N 24  
A38 N9    C4     sing N N 25  
A38 C8    N7     sing N N 26  
A38 C8    O      doub N N 27  
A38 N7    C5     sing N N 28  
A38 N7    H7     sing N N 29  
A38 C5    C6     doub Y N 30  
A38 C5    C4     sing Y N 31  
A38 C6    N6     sing N N 32  
A38 C6    N1     sing Y N 33  
A38 N6    H6N1   sing N N 34  
A38 N6    H6N2   sing N N 35  
A38 N1    C2     doub Y N 36  
A38 C2    N3     sing Y N 37  
A38 C2    H2     sing N N 38  
A38 N3    C4     doub Y N 39  
DA  OP3   P      sing N N 40  
DA  OP3   HOP3   sing N N 41  
DA  P     OP1    doub N N 42  
DA  P     OP2    sing N N 43  
DA  P     "O5'"  sing N N 44  
DA  OP2   HOP2   sing N N 45  
DA  "O5'" "C5'"  sing N N 46  
DA  "C5'" "C4'"  sing N N 47  
DA  "C5'" "H5'"  sing N N 48  
DA  "C5'" "H5''" sing N N 49  
DA  "C4'" "O4'"  sing N N 50  
DA  "C4'" "C3'"  sing N N 51  
DA  "C4'" "H4'"  sing N N 52  
DA  "O4'" "C1'"  sing N N 53  
DA  "C3'" "O3'"  sing N N 54  
DA  "C3'" "C2'"  sing N N 55  
DA  "C3'" "H3'"  sing N N 56  
DA  "O3'" "HO3'" sing N N 57  
DA  "C2'" "C1'"  sing N N 58  
DA  "C2'" "H2'"  sing N N 59  
DA  "C2'" "H2''" sing N N 60  
DA  "C1'" N9     sing N N 61  
DA  "C1'" "H1'"  sing N N 62  
DA  N9    C8     sing Y N 63  
DA  N9    C4     sing Y N 64  
DA  C8    N7     doub Y N 65  
DA  C8    H8     sing N N 66  
DA  N7    C5     sing Y N 67  
DA  C5    C6     sing Y N 68  
DA  C5    C4     doub Y N 69  
DA  C6    N6     sing N N 70  
DA  C6    N1     doub Y N 71  
DA  N6    H61    sing N N 72  
DA  N6    H62    sing N N 73  
DA  N1    C2     sing Y N 74  
DA  C2    N3     doub Y N 75  
DA  C2    H2     sing N N 76  
DA  N3    C4     sing Y N 77  
DC  OP3   P      sing N N 78  
DC  OP3   HOP3   sing N N 79  
DC  P     OP1    doub N N 80  
DC  P     OP2    sing N N 81  
DC  P     "O5'"  sing N N 82  
DC  OP2   HOP2   sing N N 83  
DC  "O5'" "C5'"  sing N N 84  
DC  "C5'" "C4'"  sing N N 85  
DC  "C5'" "H5'"  sing N N 86  
DC  "C5'" "H5''" sing N N 87  
DC  "C4'" "O4'"  sing N N 88  
DC  "C4'" "C3'"  sing N N 89  
DC  "C4'" "H4'"  sing N N 90  
DC  "O4'" "C1'"  sing N N 91  
DC  "C3'" "O3'"  sing N N 92  
DC  "C3'" "C2'"  sing N N 93  
DC  "C3'" "H3'"  sing N N 94  
DC  "O3'" "HO3'" sing N N 95  
DC  "C2'" "C1'"  sing N N 96  
DC  "C2'" "H2'"  sing N N 97  
DC  "C2'" "H2''" sing N N 98  
DC  "C1'" N1     sing N N 99  
DC  "C1'" "H1'"  sing N N 100 
DC  N1    C2     sing N N 101 
DC  N1    C6     sing N N 102 
DC  C2    O2     doub N N 103 
DC  C2    N3     sing N N 104 
DC  N3    C4     doub N N 105 
DC  C4    N4     sing N N 106 
DC  C4    C5     sing N N 107 
DC  N4    H41    sing N N 108 
DC  N4    H42    sing N N 109 
DC  C5    C6     doub N N 110 
DC  C5    H5     sing N N 111 
DC  C6    H6     sing N N 112 
DG  OP3   P      sing N N 113 
DG  OP3   HOP3   sing N N 114 
DG  P     OP1    doub N N 115 
DG  P     OP2    sing N N 116 
DG  P     "O5'"  sing N N 117 
DG  OP2   HOP2   sing N N 118 
DG  "O5'" "C5'"  sing N N 119 
DG  "C5'" "C4'"  sing N N 120 
DG  "C5'" "H5'"  sing N N 121 
DG  "C5'" "H5''" sing N N 122 
DG  "C4'" "O4'"  sing N N 123 
DG  "C4'" "C3'"  sing N N 124 
DG  "C4'" "H4'"  sing N N 125 
DG  "O4'" "C1'"  sing N N 126 
DG  "C3'" "O3'"  sing N N 127 
DG  "C3'" "C2'"  sing N N 128 
DG  "C3'" "H3'"  sing N N 129 
DG  "O3'" "HO3'" sing N N 130 
DG  "C2'" "C1'"  sing N N 131 
DG  "C2'" "H2'"  sing N N 132 
DG  "C2'" "H2''" sing N N 133 
DG  "C1'" N9     sing N N 134 
DG  "C1'" "H1'"  sing N N 135 
DG  N9    C8     sing Y N 136 
DG  N9    C4     sing Y N 137 
DG  C8    N7     doub Y N 138 
DG  C8    H8     sing N N 139 
DG  N7    C5     sing Y N 140 
DG  C5    C6     sing N N 141 
DG  C5    C4     doub Y N 142 
DG  C6    O6     doub N N 143 
DG  C6    N1     sing N N 144 
DG  N1    C2     sing N N 145 
DG  N1    H1     sing N N 146 
DG  C2    N2     sing N N 147 
DG  C2    N3     doub N N 148 
DG  N2    H21    sing N N 149 
DG  N2    H22    sing N N 150 
DG  N3    C4     sing N N 151 
DT  OP3   P      sing N N 152 
DT  OP3   HOP3   sing N N 153 
DT  P     OP1    doub N N 154 
DT  P     OP2    sing N N 155 
DT  P     "O5'"  sing N N 156 
DT  OP2   HOP2   sing N N 157 
DT  "O5'" "C5'"  sing N N 158 
DT  "C5'" "C4'"  sing N N 159 
DT  "C5'" "H5'"  sing N N 160 
DT  "C5'" "H5''" sing N N 161 
DT  "C4'" "O4'"  sing N N 162 
DT  "C4'" "C3'"  sing N N 163 
DT  "C4'" "H4'"  sing N N 164 
DT  "O4'" "C1'"  sing N N 165 
DT  "C3'" "O3'"  sing N N 166 
DT  "C3'" "C2'"  sing N N 167 
DT  "C3'" "H3'"  sing N N 168 
DT  "O3'" "HO3'" sing N N 169 
DT  "C2'" "C1'"  sing N N 170 
DT  "C2'" "H2'"  sing N N 171 
DT  "C2'" "H2''" sing N N 172 
DT  "C1'" N1     sing N N 173 
DT  "C1'" "H1'"  sing N N 174 
DT  N1    C2     sing N N 175 
DT  N1    C6     sing N N 176 
DT  C2    O2     doub N N 177 
DT  C2    N3     sing N N 178 
DT  N3    C4     sing N N 179 
DT  N3    H3     sing N N 180 
DT  C4    O4     doub N N 181 
DT  C4    C5     sing N N 182 
DT  C5    C7     sing N N 183 
DT  C5    C6     doub N N 184 
DT  C7    H71    sing N N 185 
DT  C7    H72    sing N N 186 
DT  C7    H73    sing N N 187 
DT  C6    H6     sing N N 188 
HOH O     H1     sing N N 189 
HOH O     H2     sing N N 190 
# 
loop_
_ndb_struct_conf_na.entry_id 
_ndb_struct_conf_na.feature 
1D75 'double helix'         
1D75 'b-form double helix'  
1D75 'mismatched base pair' 
# 
loop_
_ndb_struct_na_base_pair.model_number 
_ndb_struct_na_base_pair.i_label_asym_id 
_ndb_struct_na_base_pair.i_label_comp_id 
_ndb_struct_na_base_pair.i_label_seq_id 
_ndb_struct_na_base_pair.i_symmetry 
_ndb_struct_na_base_pair.j_label_asym_id 
_ndb_struct_na_base_pair.j_label_comp_id 
_ndb_struct_na_base_pair.j_label_seq_id 
_ndb_struct_na_base_pair.j_symmetry 
_ndb_struct_na_base_pair.shear 
_ndb_struct_na_base_pair.stretch 
_ndb_struct_na_base_pair.stagger 
_ndb_struct_na_base_pair.buckle 
_ndb_struct_na_base_pair.propeller 
_ndb_struct_na_base_pair.opening 
_ndb_struct_na_base_pair.pair_number 
_ndb_struct_na_base_pair.pair_name 
_ndb_struct_na_base_pair.i_auth_asym_id 
_ndb_struct_na_base_pair.i_auth_seq_id 
_ndb_struct_na_base_pair.i_PDB_ins_code 
_ndb_struct_na_base_pair.j_auth_asym_id 
_ndb_struct_na_base_pair.j_auth_seq_id 
_ndb_struct_na_base_pair.j_PDB_ins_code 
_ndb_struct_na_base_pair.hbond_type_28 
_ndb_struct_na_base_pair.hbond_type_12 
1 A DC  1  1_555 B DG  12 1_555 0.121  -0.407 0.578  1.747   -12.489 -3.658   1  A_DC1:DG24_B  A 1  ? B 24 ? 19 1 
1 A DG  2  1_555 B DC  11 1_555 -0.281 -0.481 0.828  5.502   -11.660 -1.270   2  A_DG2:DC23_B  A 2  ? B 23 ? 19 1 
1 A DC  3  1_555 B DG  10 1_555 -0.243 -0.356 0.499  -12.730 -8.864  -7.534   3  A_DC3:DG22_B  A 3  ? B 22 ? 19 1 
1 A DG  4  1_555 B A38 9  1_555 -2.176 5.126  0.117  -9.203  -9.088  -101.283 4  A_DG4:A3821_B A 4  ? B 21 ? 9  ? 
1 A DA  5  1_555 B DT  8  1_555 -0.266 -0.498 0.159  5.333   -20.897 -0.842   5  A_DA5:DT20_B  A 5  ? B 20 ? 20 1 
1 A DA  6  1_555 B DT  7  1_555 -0.399 -0.641 0.195  -1.554  -31.622 -1.882   6  A_DA6:DT19_B  A 6  ? B 19 ? 20 1 
1 A DT  7  1_555 B DA  6  1_555 -0.007 -0.405 0.024  -5.433  -18.067 -0.597   7  A_DT7:DA18_B  A 7  ? B 18 ? 20 1 
1 A DT  8  1_555 B DA  5  1_555 0.146  -0.577 0.398  -9.594  -23.171 0.652    8  A_DT8:DA17_B  A 8  ? B 17 ? 20 1 
1 A A38 9  1_555 B DG  4  1_555 1.720  -5.619 -0.262 7.002   10.150  88.631   9  A_A389:DG16_B A 9  ? B 16 ? 9  ? 
1 A DG  10 1_555 B DC  3  1_555 0.410  -0.387 0.118  13.804  -6.588  -2.851   10 A_DG10:DC15_B A 10 ? B 15 ? 19 1 
1 A DC  11 1_555 B DG  2  1_555 0.405  -0.799 0.966  -0.030  -22.516 -11.546  11 A_DC11:DG14_B A 11 ? B 14 ? 19 1 
1 A DG  12 1_555 B DC  1  1_555 -0.683 -0.591 0.386  2.816   -1.218  -3.450   12 A_DG12:DC13_B A 12 ? B 13 ? 19 1 
# 
loop_
_ndb_struct_na_base_pair_step.model_number 
_ndb_struct_na_base_pair_step.i_label_asym_id_1 
_ndb_struct_na_base_pair_step.i_label_comp_id_1 
_ndb_struct_na_base_pair_step.i_label_seq_id_1 
_ndb_struct_na_base_pair_step.i_symmetry_1 
_ndb_struct_na_base_pair_step.j_label_asym_id_1 
_ndb_struct_na_base_pair_step.j_label_comp_id_1 
_ndb_struct_na_base_pair_step.j_label_seq_id_1 
_ndb_struct_na_base_pair_step.j_symmetry_1 
_ndb_struct_na_base_pair_step.i_label_asym_id_2 
_ndb_struct_na_base_pair_step.i_label_comp_id_2 
_ndb_struct_na_base_pair_step.i_label_seq_id_2 
_ndb_struct_na_base_pair_step.i_symmetry_2 
_ndb_struct_na_base_pair_step.j_label_asym_id_2 
_ndb_struct_na_base_pair_step.j_label_comp_id_2 
_ndb_struct_na_base_pair_step.j_label_seq_id_2 
_ndb_struct_na_base_pair_step.j_symmetry_2 
_ndb_struct_na_base_pair_step.shift 
_ndb_struct_na_base_pair_step.slide 
_ndb_struct_na_base_pair_step.rise 
_ndb_struct_na_base_pair_step.tilt 
_ndb_struct_na_base_pair_step.roll 
_ndb_struct_na_base_pair_step.twist 
_ndb_struct_na_base_pair_step.x_displacement 
_ndb_struct_na_base_pair_step.y_displacement 
_ndb_struct_na_base_pair_step.helical_rise 
_ndb_struct_na_base_pair_step.inclination 
_ndb_struct_na_base_pair_step.tip 
_ndb_struct_na_base_pair_step.helical_twist 
_ndb_struct_na_base_pair_step.step_number 
_ndb_struct_na_base_pair_step.step_name 
_ndb_struct_na_base_pair_step.i_auth_asym_id_1 
_ndb_struct_na_base_pair_step.i_auth_seq_id_1 
_ndb_struct_na_base_pair_step.i_PDB_ins_code_1 
_ndb_struct_na_base_pair_step.j_auth_asym_id_1 
_ndb_struct_na_base_pair_step.j_auth_seq_id_1 
_ndb_struct_na_base_pair_step.j_PDB_ins_code_1 
_ndb_struct_na_base_pair_step.i_auth_asym_id_2 
_ndb_struct_na_base_pair_step.i_auth_seq_id_2 
_ndb_struct_na_base_pair_step.i_PDB_ins_code_2 
_ndb_struct_na_base_pair_step.j_auth_asym_id_2 
_ndb_struct_na_base_pair_step.j_auth_seq_id_2 
_ndb_struct_na_base_pair_step.j_PDB_ins_code_2 
1 A DC  1  1_555 B DG  12 1_555 A DG  2  1_555 B DC  11 1_555 -0.056 -0.511 3.055  -3.162   6.287   40.435 -1.362 -0.239 2.943  
9.013   4.533   41.017  1  AA_DC1DG2:DC23DG24_BB   A 1  ? B 24 ? A 2  ? B 23 ? 
1 A DG  2  1_555 B DC  11 1_555 A DC  3  1_555 B DG  10 1_555 -0.081 -0.200 4.007  3.565    -13.640 34.023 1.992  0.731  3.783  
-22.167 -5.794  36.749  2  AA_DG2DC3:DG22DC23_BB   A 2  ? B 23 ? A 3  ? B 22 ? 
1 A DC  3  1_555 B DG  10 1_555 A DG  4  1_555 B A38 9  1_555 1.370  -1.445 2.751  6.698    6.123   65.062 -1.545 -1.034 2.734  
5.664   -6.196  65.622  3  AA_DC3DG4:A3821DG22_BB  A 3  ? B 22 ? A 4  ? B 21 ? 
1 A DG  4  1_555 B A38 9  1_555 A DA  5  1_555 B DT  8  1_555 -0.309 2.324  3.414  -2.228   5.173   4.948  -5.618 -7.712 3.949  
44.758  19.279  7.496   4  AA_DG4DA5:DT20A3821_BB  A 4  ? B 21 ? A 5  ? B 20 ? 
1 A DA  5  1_555 B DT  8  1_555 A DA  6  1_555 B DT  7  1_555 0.236  -0.440 3.382  -2.872   3.961   32.747 -1.456 -0.911 3.275  
6.977   5.059   33.100  5  AA_DA5DA6:DT19DT20_BB   A 5  ? B 20 ? A 6  ? B 19 ? 
1 A DA  6  1_555 B DT  7  1_555 A DT  7  1_555 B DA  6  1_555 0.014  -0.497 3.420  -1.366   -8.536  32.175 0.650  -0.268 3.432  
-15.065 2.412   33.286  6  AA_DA6DT7:DA18DT19_BB   A 6  ? B 19 ? A 7  ? B 18 ? 
1 A DT  7  1_555 B DA  6  1_555 A DT  8  1_555 B DA  5  1_555 -0.198 -0.035 3.411  1.234    1.192   42.857 -0.171 0.399  3.402  
1.630   -1.688  42.889  7  AA_DT7DT8:DA17DA18_BB   A 7  ? B 18 ? A 8  ? B 17 ? 
1 A DT  8  1_555 B DA  5  1_555 A A38 9  1_555 B DG  4  1_555 0.163  -3.200 2.550  -176.344 -5.378  3.048  -1.563 -1.324 0.002  
-2.742  89.911  176.428 8  AA_DT8A389:DG16DA17_BB  A 8  ? B 17 ? A 9  ? B 16 ? 
1 A A38 9  1_555 B DG  4  1_555 A DG  10 1_555 B DC  3  1_555 -1.012 -2.901 -2.600 151.790  -91.502 89.583 -1.879 -0.204 -1.384 
-45.962 -76.244 178.039 9  AA_A389DG10:DC15DG16_BB A 9  ? B 16 ? A 10 ? B 15 ? 
1 A DG  10 1_555 B DC  3  1_555 A DC  11 1_555 B DG  2  1_555 -0.164 0.827  3.762  -6.554   -13.356 36.043 3.053  -0.643 3.248  
-20.542 10.080  38.898  10 AA_DG10DC11:DG14DC15_BB A 10 ? B 15 ? A 11 ? B 14 ? 
1 A DC  11 1_555 B DG  2  1_555 A DG  12 1_555 B DC  1  1_555 -0.151 0.150  3.523  5.135    1.385   36.779 0.037  0.973  3.475  
2.181   -8.087  37.148  11 AA_DC11DG12:DC13DG14_BB A 11 ? B 14 ? A 12 ? B 13 ? 
# 
_atom_sites.entry_id                    1D75 
_atom_sites.fract_transf_matrix[1][1]   0.03766316 
_atom_sites.fract_transf_matrix[1][2]   0.00224651 
_atom_sites.fract_transf_matrix[1][3]   -0.01080224 
_atom_sites.fract_transf_matrix[2][1]   0.00561403 
_atom_sites.fract_transf_matrix[2][2]   0.00895632 
_atom_sites.fract_transf_matrix[2][3]   0.02143653 
_atom_sites.fract_transf_matrix[3][1]   0.00237993 
_atom_sites.fract_transf_matrix[3][2]   -0.01425620 
_atom_sites.fract_transf_matrix[3][3]   0.00533305 
_atom_sites.fract_transf_vector[1]      0.579154 
_atom_sites.fract_transf_vector[2]      0.520296 
_atom_sites.fract_transf_vector[3]      0.127150 
# 
loop_
_atom_type.symbol 
C 
N 
O 
P 
# 
loop_
_atom_site.group_PDB 
_atom_site.id 
_atom_site.type_symbol 
_atom_site.label_atom_id 
_atom_site.label_alt_id 
_atom_site.label_comp_id 
_atom_site.label_asym_id 
_atom_site.label_entity_id 
_atom_site.label_seq_id 
_atom_site.pdbx_PDB_ins_code 
_atom_site.Cartn_x 
_atom_site.Cartn_y 
_atom_site.Cartn_z 
_atom_site.occupancy 
_atom_site.B_iso_or_equiv 
_atom_site.pdbx_formal_charge 
_atom_site.auth_seq_id 
_atom_site.auth_comp_id 
_atom_site.auth_asym_id 
_atom_site.auth_atom_id 
_atom_site.pdbx_PDB_model_num 
ATOM   1   O "O5'" . DC  A 1 1  ? 10.562  -9.253  17.251  1.00 39.06 ? 1  DC  A "O5'" 1 
ATOM   2   C "C5'" . DC  A 1 1  ? 10.604  -8.192  16.260  1.00 39.71 ? 1  DC  A "C5'" 1 
ATOM   3   C "C4'" . DC  A 1 1  ? 11.024  -8.844  14.952  1.00 38.67 ? 1  DC  A "C4'" 1 
ATOM   4   O "O4'" . DC  A 1 1  ? 10.115  -9.884  14.640  1.00 30.37 ? 1  DC  A "O4'" 1 
ATOM   5   C "C3'" . DC  A 1 1  ? 11.042  -7.902  13.747  1.00 44.70 ? 1  DC  A "C3'" 1 
ATOM   6   O "O3'" . DC  A 1 1  ? 12.285  -7.981  13.040  1.00 53.60 ? 1  DC  A "O3'" 1 
ATOM   7   C "C2'" . DC  A 1 1  ? 9.842   -8.345  12.913  1.00 35.76 ? 1  DC  A "C2'" 1 
ATOM   8   C "C1'" . DC  A 1 1  ? 9.776   -9.817  13.246  1.00 21.34 ? 1  DC  A "C1'" 1 
ATOM   9   N N1    . DC  A 1 1  ? 8.448   -10.390 12.999  1.00 16.26 ? 1  DC  A N1    1 
ATOM   10  C C2    . DC  A 1 1  ? 8.339   -11.304 11.954  1.00 12.07 ? 1  DC  A C2    1 
ATOM   11  O O2    . DC  A 1 1  ? 9.317   -11.575 11.260  1.00 4.51  ? 1  DC  A O2    1 
ATOM   12  N N3    . DC  A 1 1  ? 7.116   -11.863 11.720  1.00 12.43 ? 1  DC  A N3    1 
ATOM   13  C C4    . DC  A 1 1  ? 6.029   -11.565 12.476  1.00 14.31 ? 1  DC  A C4    1 
ATOM   14  N N4    . DC  A 1 1  ? 4.851   -12.119 12.214  1.00 20.08 ? 1  DC  A N4    1 
ATOM   15  C C5    . DC  A 1 1  ? 6.158   -10.647 13.561  1.00 16.53 ? 1  DC  A C5    1 
ATOM   16  C C6    . DC  A 1 1  ? 7.368   -10.102 13.782  1.00 12.67 ? 1  DC  A C6    1 
ATOM   17  P P     . DG  A 1 2  ? 12.655  -6.996  11.831  1.00 59.47 ? 2  DG  A P     1 
ATOM   18  O OP1   . DG  A 1 2  ? 13.594  -7.635  10.850  1.00 56.61 ? 2  DG  A OP1   1 
ATOM   19  O OP2   . DG  A 1 2  ? 13.269  -5.832  12.533  1.00 60.70 ? 2  DG  A OP2   1 
ATOM   20  O "O5'" . DG  A 1 2  ? 11.243  -6.712  11.140  1.00 52.61 ? 2  DG  A "O5'" 1 
ATOM   21  C "C5'" . DG  A 1 2  ? 10.666  -7.720  10.276  1.00 43.97 ? 2  DG  A "C5'" 1 
ATOM   22  C "C4'" . DG  A 1 2  ? 11.690  -8.024  9.215   1.00 41.45 ? 2  DG  A "C4'" 1 
ATOM   23  O "O4'" . DG  A 1 2  ? 11.379  -9.266  8.585   1.00 38.50 ? 2  DG  A "O4'" 1 
ATOM   24  C "C3'" . DG  A 1 2  ? 11.733  -7.079  8.026   1.00 40.65 ? 2  DG  A "C3'" 1 
ATOM   25  O "O3'" . DG  A 1 2  ? 12.953  -7.167  7.285   1.00 42.02 ? 2  DG  A "O3'" 1 
ATOM   26  C "C2'" . DG  A 1 2  ? 10.514  -7.527  7.222   1.00 36.45 ? 2  DG  A "C2'" 1 
ATOM   27  C "C1'" . DG  A 1 2  ? 10.280  -8.940  7.696   1.00 31.20 ? 2  DG  A "C1'" 1 
ATOM   28  N N9    . DG  A 1 2  ? 8.998   -9.043  8.402   1.00 28.73 ? 2  DG  A N9    1 
ATOM   29  C C8    . DG  A 1 2  ? 8.610   -8.387  9.545   1.00 29.84 ? 2  DG  A C8    1 
ATOM   30  N N7    . DG  A 1 2  ? 7.397   -8.678  9.946   1.00 27.83 ? 2  DG  A N7    1 
ATOM   31  C C5    . DG  A 1 2  ? 6.956   -9.598  8.995   1.00 27.55 ? 2  DG  A C5    1 
ATOM   32  C C6    . DG  A 1 2  ? 5.728   -10.300 8.863   1.00 28.11 ? 2  DG  A C6    1 
ATOM   33  O O6    . DG  A 1 2  ? 4.748   -10.219 9.613   1.00 29.17 ? 2  DG  A O6    1 
ATOM   34  N N1    . DG  A 1 2  ? 5.657   -11.152 7.783   1.00 24.24 ? 2  DG  A N1    1 
ATOM   35  C C2    . DG  A 1 2  ? 6.698   -11.289 6.914   1.00 20.96 ? 2  DG  A C2    1 
ATOM   36  N N2    . DG  A 1 2  ? 6.492   -12.132 5.898   1.00 19.85 ? 2  DG  A N2    1 
ATOM   37  N N3    . DG  A 1 2  ? 7.877   -10.666 6.984   1.00 26.01 ? 2  DG  A N3    1 
ATOM   38  C C4    . DG  A 1 2  ? 7.934   -9.836  8.051   1.00 27.88 ? 2  DG  A C4    1 
ATOM   39  P P     . DC  A 1 3  ? 13.058  -6.540  5.802   1.00 37.53 ? 3  DC  A P     1 
ATOM   40  O OP1   . DC  A 1 3  ? 14.430  -6.741  5.251   1.00 35.27 ? 3  DC  A OP1   1 
ATOM   41  O OP2   . DC  A 1 3  ? 12.760  -5.104  6.060   1.00 45.24 ? 3  DC  A OP2   1 
ATOM   42  O "O5'" . DC  A 1 3  ? 11.924  -7.276  4.960   1.00 32.25 ? 3  DC  A "O5'" 1 
ATOM   43  C "C5'" . DC  A 1 3  ? 11.689  -6.934  3.578   1.00 27.40 ? 3  DC  A "C5'" 1 
ATOM   44  C "C4'" . DC  A 1 3  ? 10.651  -7.881  3.028   1.00 26.29 ? 3  DC  A "C4'" 1 
ATOM   45  O "O4'" . DC  A 1 3  ? 10.053  -8.609  4.085   1.00 21.72 ? 3  DC  A "O4'" 1 
ATOM   46  C "C3'" . DC  A 1 3  ? 9.454   -7.222  2.324   1.00 30.74 ? 3  DC  A "C3'" 1 
ATOM   47  O "O3'" . DC  A 1 3  ? 9.688   -6.734  1.009   1.00 34.19 ? 3  DC  A "O3'" 1 
ATOM   48  C "C2'" . DC  A 1 3  ? 8.449   -8.395  2.354   1.00 20.21 ? 3  DC  A "C2'" 1 
ATOM   49  C "C1'" . DC  A 1 3  ? 8.693   -8.923  3.761   1.00 20.70 ? 3  DC  A "C1'" 1 
ATOM   50  N N1    . DC  A 1 3  ? 7.715   -8.299  4.666   1.00 20.58 ? 3  DC  A N1    1 
ATOM   51  C C2    . DC  A 1 3  ? 6.426   -8.829  4.670   1.00 24.29 ? 3  DC  A C2    1 
ATOM   52  O O2    . DC  A 1 3  ? 6.164   -9.799  3.955   1.00 21.73 ? 3  DC  A O2    1 
ATOM   53  N N3    . DC  A 1 3  ? 5.500   -8.241  5.488   1.00 23.61 ? 3  DC  A N3    1 
ATOM   54  C C4    . DC  A 1 3  ? 5.810   -7.189  6.288   1.00 20.62 ? 3  DC  A C4    1 
ATOM   55  N N4    . DC  A 1 3  ? 4.873   -6.683  7.087   1.00 20.07 ? 3  DC  A N4    1 
ATOM   56  C C5    . DC  A 1 3  ? 7.131   -6.655  6.283   1.00 22.58 ? 3  DC  A C5    1 
ATOM   57  C C6    . DC  A 1 3  ? 8.025   -7.239  5.468   1.00 21.95 ? 3  DC  A C6    1 
ATOM   58  P P     . DG  A 1 4  ? 10.597  -7.391  -0.121  1.00 42.54 ? 4  DG  A P     1 
ATOM   59  O OP1   . DG  A 1 4  ? 10.736  -8.885  0.061   1.00 42.20 ? 4  DG  A OP1   1 
ATOM   60  O OP2   . DG  A 1 4  ? 11.899  -6.689  -0.023  1.00 37.89 ? 4  DG  A OP2   1 
ATOM   61  O "O5'" . DG  A 1 4  ? 9.803   -7.120  -1.476  1.00 41.56 ? 4  DG  A "O5'" 1 
ATOM   62  C "C5'" . DG  A 1 4  ? 9.266   -8.299  -2.140  1.00 40.26 ? 4  DG  A "C5'" 1 
ATOM   63  C "C4'" . DG  A 1 4  ? 7.869   -8.528  -1.623  1.00 38.06 ? 4  DG  A "C4'" 1 
ATOM   64  O "O4'" . DG  A 1 4  ? 7.649   -7.896  -0.360  1.00 33.99 ? 4  DG  A "O4'" 1 
ATOM   65  C "C3'" . DG  A 1 4  ? 6.751   -7.949  -2.501  1.00 42.04 ? 4  DG  A "C3'" 1 
ATOM   66  O "O3'" . DG  A 1 4  ? 6.381   -8.859  -3.530  1.00 45.43 ? 4  DG  A "O3'" 1 
ATOM   67  C "C2'" . DG  A 1 4  ? 5.623   -7.656  -1.516  1.00 38.68 ? 4  DG  A "C2'" 1 
ATOM   68  C "C1'" . DG  A 1 4  ? 6.203   -8.066  -0.190  1.00 28.24 ? 4  DG  A "C1'" 1 
ATOM   69  N N9    . DG  A 1 4  ? 5.688   -7.299  0.949   1.00 21.69 ? 4  DG  A N9    1 
ATOM   70  C C8    . DG  A 1 4  ? 6.284   -6.285  1.648   1.00 21.01 ? 4  DG  A C8    1 
ATOM   71  N N7    . DG  A 1 4  ? 5.570   -5.834  2.649   1.00 18.59 ? 4  DG  A N7    1 
ATOM   72  C C5    . DG  A 1 4  ? 4.426   -6.621  2.630   1.00 16.77 ? 4  DG  A C5    1 
ATOM   73  C C6    . DG  A 1 4  ? 3.275   -6.631  3.453   1.00 17.86 ? 4  DG  A C6    1 
ATOM   74  O O6    . DG  A 1 4  ? 3.025   -5.905  4.419   1.00 16.09 ? 4  DG  A O6    1 
ATOM   75  N N1    . DG  A 1 4  ? 2.331   -7.564  3.105   1.00 21.00 ? 4  DG  A N1    1 
ATOM   76  C C2    . DG  A 1 4  ? 2.510   -8.423  2.061   1.00 25.79 ? 4  DG  A C2    1 
ATOM   77  N N2    . DG  A 1 4  ? 1.515   -9.295  1.846   1.00 23.36 ? 4  DG  A N2    1 
ATOM   78  N N3    . DG  A 1 4  ? 3.569   -8.460  1.248   1.00 27.02 ? 4  DG  A N3    1 
ATOM   79  C C4    . DG  A 1 4  ? 4.488   -7.525  1.591   1.00 21.03 ? 4  DG  A C4    1 
ATOM   80  P P     . DA  A 1 5  ? 5.353   -8.449  -4.696  1.00 49.72 ? 5  DA  A P     1 
ATOM   81  O OP1   . DA  A 1 5  ? 5.712   -9.198  -5.956  1.00 50.83 ? 5  DA  A OP1   1 
ATOM   82  O OP2   . DA  A 1 5  ? 5.566   -6.988  -4.840  1.00 56.67 ? 5  DA  A OP2   1 
ATOM   83  O "O5'" . DA  A 1 5  ? 3.932   -8.869  -4.134  1.00 41.78 ? 5  DA  A "O5'" 1 
ATOM   84  C "C5'" . DA  A 1 5  ? 2.791   -7.974  -4.233  1.00 39.83 ? 5  DA  A "C5'" 1 
ATOM   85  C "C4'" . DA  A 1 5  ? 1.609   -8.846  -3.862  1.00 38.55 ? 5  DA  A "C4'" 1 
ATOM   86  O "O4'" . DA  A 1 5  ? 1.459   -8.856  -2.452  1.00 37.42 ? 5  DA  A "O4'" 1 
ATOM   87  C "C3'" . DA  A 1 5  ? 0.251   -8.371  -4.349  1.00 41.46 ? 5  DA  A "C3'" 1 
ATOM   88  O "O3'" . DA  A 1 5  ? -0.710  -9.426  -4.394  1.00 46.71 ? 5  DA  A "O3'" 1 
ATOM   89  C "C2'" . DA  A 1 5  ? -0.083  -7.284  -3.335  1.00 38.41 ? 5  DA  A "C2'" 1 
ATOM   90  C "C1'" . DA  A 1 5  ? 0.550   -7.798  -2.068  1.00 29.00 ? 5  DA  A "C1'" 1 
ATOM   91  N N9    . DA  A 1 5  ? 1.277   -6.737  -1.358  1.00 24.74 ? 5  DA  A N9    1 
ATOM   92  C C8    . DA  A 1 5  ? 2.476   -6.158  -1.694  1.00 21.98 ? 5  DA  A C8    1 
ATOM   93  N N7    . DA  A 1 5  ? 2.872   -5.239  -0.858  1.00 22.37 ? 5  DA  A N7    1 
ATOM   94  C C5    . DA  A 1 5  ? 1.874   -5.218  0.113   1.00 20.55 ? 5  DA  A C5    1 
ATOM   95  C C6    . DA  A 1 5  ? 1.716   -4.440  1.290   1.00 18.60 ? 5  DA  A C6    1 
ATOM   96  N N6    . DA  A 1 5  ? 2.583   -3.530  1.685   1.00 25.59 ? 5  DA  A N6    1 
ATOM   97  N N1    . DA  A 1 5  ? 0.581   -4.694  1.997   1.00 14.36 ? 5  DA  A N1    1 
ATOM   98  C C2    . DA  A 1 5  ? -0.322  -5.629  1.607   1.00 19.27 ? 5  DA  A C2    1 
ATOM   99  N N3    . DA  A 1 5  ? -0.233  -6.382  0.512   1.00 22.43 ? 5  DA  A N3    1 
ATOM   100 C C4    . DA  A 1 5  ? 0.892   -6.133  -0.190  1.00 20.80 ? 5  DA  A C4    1 
ATOM   101 P P     . DA  A 1 6  ? -2.044  -9.284  -5.294  1.00 54.52 ? 6  DA  A P     1 
ATOM   102 O OP1   . DA  A 1 6  ? -2.772  -10.589 -5.383  1.00 54.69 ? 6  DA  A OP1   1 
ATOM   103 O OP2   . DA  A 1 6  ? -1.523  -8.834  -6.612  1.00 50.64 ? 6  DA  A OP2   1 
ATOM   104 O "O5'" . DA  A 1 6  ? -2.889  -8.194  -4.478  1.00 47.12 ? 6  DA  A "O5'" 1 
ATOM   105 C "C5'" . DA  A 1 6  ? -3.347  -8.544  -3.147  1.00 40.04 ? 6  DA  A "C5'" 1 
ATOM   106 C "C4'" . DA  A 1 6  ? -3.580  -7.268  -2.370  1.00 35.96 ? 6  DA  A "C4'" 1 
ATOM   107 O "O4'" . DA  A 1 6  ? -2.364  -6.541  -2.245  1.00 29.44 ? 6  DA  A "O4'" 1 
ATOM   108 C "C3'" . DA  A 1 6  ? -4.546  -6.270  -3.004  1.00 34.45 ? 6  DA  A "C3'" 1 
ATOM   109 O "O3'" . DA  A 1 6  ? -5.866  -6.417  -2.471  1.00 35.24 ? 6  DA  A "O3'" 1 
ATOM   110 C "C2'" . DA  A 1 6  ? -3.934  -4.900  -2.726  1.00 32.45 ? 6  DA  A "C2'" 1 
ATOM   111 C "C1'" . DA  A 1 6  ? -2.810  -5.221  -1.780  1.00 21.78 ? 6  DA  A "C1'" 1 
ATOM   112 N N9    . DA  A 1 6  ? -1.664  -4.309  -1.767  1.00 13.22 ? 6  DA  A N9    1 
ATOM   113 C C8    . DA  A 1 6  ? -0.620  -4.237  -2.658  1.00 13.46 ? 6  DA  A C8    1 
ATOM   114 N N7    . DA  A 1 6  ? 0.287   -3.341  -2.336  1.00 11.92 ? 6  DA  A N7    1 
ATOM   115 C C5    . DA  A 1 6  ? -0.174  -2.817  -1.142  1.00 11.65 ? 6  DA  A C5    1 
ATOM   116 C C6    . DA  A 1 6  ? 0.370   -1.821  -0.278  1.00 11.76 ? 6  DA  A C6    1 
ATOM   117 N N6    . DA  A 1 6  ? 1.493   -1.176  -0.520  1.00 10.29 ? 6  DA  A N6    1 
ATOM   118 N N1    . DA  A 1 6  ? -0.386  -1.560  0.832   1.00 6.71  ? 6  DA  A N1    1 
ATOM   119 C C2    . DA  A 1 6  ? -1.557  -2.202  1.082   1.00 9.46  ? 6  DA  A C2    1 
ATOM   120 N N3    . DA  A 1 6  ? -2.107  -3.147  0.318   1.00 15.29 ? 6  DA  A N3    1 
ATOM   121 C C4    . DA  A 1 6  ? -1.364  -3.411  -0.773  1.00 10.02 ? 6  DA  A C4    1 
ATOM   122 P P     . DT  A 1 7  ? -7.119  -5.783  -3.272  1.00 44.15 ? 7  DT  A P     1 
ATOM   123 O OP1   . DT  A 1 7  ? -8.365  -6.593  -3.120  1.00 34.77 ? 7  DT  A OP1   1 
ATOM   124 O OP2   . DT  A 1 7  ? -6.622  -5.681  -4.667  1.00 41.88 ? 7  DT  A OP2   1 
ATOM   125 O "O5'" . DT  A 1 7  ? -7.286  -4.375  -2.529  1.00 48.04 ? 7  DT  A "O5'" 1 
ATOM   126 C "C5'" . DT  A 1 7  ? -7.360  -4.411  -1.072  1.00 43.86 ? 7  DT  A "C5'" 1 
ATOM   127 C "C4'" . DT  A 1 7  ? -6.739  -3.104  -0.632  1.00 40.54 ? 7  DT  A "C4'" 1 
ATOM   128 O "O4'" . DT  A 1 7  ? -5.417  -2.977  -1.144  1.00 34.35 ? 7  DT  A "O4'" 1 
ATOM   129 C "C3'" . DT  A 1 7  ? -7.485  -1.863  -1.143  1.00 39.61 ? 7  DT  A "C3'" 1 
ATOM   130 O "O3'" . DT  A 1 7  ? -8.424  -1.445  -0.151  1.00 47.28 ? 7  DT  A "O3'" 1 
ATOM   131 C "C2'" . DT  A 1 7  ? -6.365  -0.876  -1.460  1.00 29.57 ? 7  DT  A "C2'" 1 
ATOM   132 C "C1'" . DT  A 1 7  ? -5.113  -1.570  -0.948  1.00 19.86 ? 7  DT  A "C1'" 1 
ATOM   133 N N1    . DT  A 1 7  ? -3.895  -1.144  -1.646  1.00 8.11  ? 7  DT  A N1    1 
ATOM   134 C C2    . DT  A 1 7  ? -3.095  -0.225  -0.975  1.00 11.59 ? 7  DT  A C2    1 
ATOM   135 O O2    . DT  A 1 7  ? -3.401  0.222   0.136   1.00 11.10 ? 7  DT  A O2    1 
ATOM   136 N N3    . DT  A 1 7  ? -1.954  0.209   -1.599  1.00 4.86  ? 7  DT  A N3    1 
ATOM   137 C C4    . DT  A 1 7  ? -1.576  -0.247  -2.819  1.00 4.00  ? 7  DT  A C4    1 
ATOM   138 O O4    . DT  A 1 7  ? -0.501  0.218   -3.290  1.00 4.00  ? 7  DT  A O4    1 
ATOM   139 C C5    . DT  A 1 7  ? -2.403  -1.202  -3.482  1.00 7.55  ? 7  DT  A C5    1 
ATOM   140 C C7    . DT  A 1 7  ? -2.022  -1.723  -4.838  1.00 4.67  ? 7  DT  A C7    1 
ATOM   141 C C6    . DT  A 1 7  ? -3.518  -1.615  -2.868  1.00 4.00  ? 7  DT  A C6    1 
ATOM   142 P P     . DT  A 1 8  ? -9.766  -0.612  -0.400  1.00 53.76 ? 8  DT  A P     1 
ATOM   143 O OP1   . DT  A 1 8  ? -10.871 -1.105  0.482   1.00 47.67 ? 8  DT  A OP1   1 
ATOM   144 O OP2   . DT  A 1 8  ? -10.058 -0.788  -1.845  1.00 55.29 ? 8  DT  A OP2   1 
ATOM   145 O "O5'" . DT  A 1 8  ? -9.335  0.882   -0.013  1.00 46.55 ? 8  DT  A "O5'" 1 
ATOM   146 C "C5'" . DT  A 1 8  ? -7.904  1.171   0.009   1.00 42.13 ? 8  DT  A "C5'" 1 
ATOM   147 C "C4'" . DT  A 1 8  ? -7.663  1.987   1.261   1.00 39.79 ? 8  DT  A "C4'" 1 
ATOM   148 O "O4'" . DT  A 1 8  ? -6.291  2.345   1.322   1.00 34.73 ? 8  DT  A "O4'" 1 
ATOM   149 C "C3'" . DT  A 1 8  ? -8.408  3.320   1.310   1.00 41.89 ? 8  DT  A "C3'" 1 
ATOM   150 O "O3'" . DT  A 1 8  ? -8.539  3.888   2.609   1.00 51.58 ? 8  DT  A "O3'" 1 
ATOM   151 C "C2'" . DT  A 1 8  ? -7.531  4.165   0.386   1.00 37.61 ? 8  DT  A "C2'" 1 
ATOM   152 C "C1'" . DT  A 1 8  ? -6.150  3.582   0.590   1.00 27.31 ? 8  DT  A "C1'" 1 
ATOM   153 N N1    . DT  A 1 8  ? -5.498  3.351   -0.710  1.00 20.51 ? 8  DT  A N1    1 
ATOM   154 C C2    . DT  A 1 8  ? -4.250  3.934   -0.889  1.00 9.62  ? 8  DT  A C2    1 
ATOM   155 O O2    . DT  A 1 8  ? -3.721  4.596   -0.012  1.00 14.90 ? 8  DT  A O2    1 
ATOM   156 N N3    . DT  A 1 8  ? -3.633  3.732   -2.082  1.00 12.37 ? 8  DT  A N3    1 
ATOM   157 C C4    . DT  A 1 8  ? -4.182  3.003   -3.093  1.00 9.79  ? 8  DT  A C4    1 
ATOM   158 O O4    . DT  A 1 8  ? -3.497  2.906   -4.141  1.00 4.00  ? 8  DT  A O4    1 
ATOM   159 C C5    . DT  A 1 8  ? -5.468  2.429   -2.889  1.00 11.17 ? 8  DT  A C5    1 
ATOM   160 C C7    . DT  A 1 8  ? -6.104  1.608   -3.975  1.00 17.20 ? 8  DT  A C7    1 
ATOM   161 C C6    . DT  A 1 8  ? -6.077  2.620   -1.714  1.00 13.71 ? 8  DT  A C6    1 
HETATM 162 P P     . A38 A 1 9  ? -9.272  5.297   2.857   1.00 58.16 ? 9  A38 A P     1 
HETATM 163 O O1P   . A38 A 1 9  ? -9.483  5.558   4.323   1.00 55.56 ? 9  A38 A O1P   1 
HETATM 164 O O2P   . A38 A 1 9  ? -10.557 5.128   2.134   1.00 59.63 ? 9  A38 A O2P   1 
HETATM 165 O "O5'" . A38 A 1 9  ? -8.283  6.380   2.233   1.00 54.88 ? 9  A38 A "O5'" 1 
HETATM 166 C "C5'" . A38 A 1 9  ? -7.361  7.098   3.106   1.00 51.88 ? 9  A38 A "C5'" 1 
HETATM 167 C "C4'" . A38 A 1 9  ? -6.653  8.113   2.221   1.00 51.14 ? 9  A38 A "C4'" 1 
HETATM 168 O "O4'" . A38 A 1 9  ? -5.827  7.434   1.295   1.00 48.29 ? 9  A38 A "O4'" 1 
HETATM 169 C "C3'" . A38 A 1 9  ? -7.591  8.974   1.379   1.00 53.36 ? 9  A38 A "C3'" 1 
HETATM 170 O "O3'" . A38 A 1 9  ? -7.954  10.201  2.025   1.00 59.25 ? 9  A38 A "O3'" 1 
HETATM 171 C "C2'" . A38 A 1 9  ? -6.829  9.198   0.083   1.00 47.08 ? 9  A38 A "C2'" 1 
HETATM 172 C "C1'" . A38 A 1 9  ? -5.617  8.302   0.163   1.00 41.79 ? 9  A38 A "C1'" 1 
HETATM 173 N N9    . A38 A 1 9  ? -5.461  7.560   -1.103  1.00 35.99 ? 9  A38 A N9    1 
HETATM 174 C C8    . A38 A 1 9  ? -4.329  7.428   -1.867  1.00 31.91 ? 9  A38 A C8    1 
HETATM 175 N N7    . A38 A 1 9  ? -4.490  6.718   -2.960  1.00 33.35 ? 9  A38 A N7    1 
HETATM 176 C C5    . A38 A 1 9  ? -5.837  6.370   -2.914  1.00 36.69 ? 9  A38 A C5    1 
HETATM 177 C C6    . A38 A 1 9  ? -6.632  5.605   -3.800  1.00 35.58 ? 9  A38 A C6    1 
HETATM 178 N N6    . A38 A 1 9  ? -6.186  5.056   -4.923  1.00 36.26 ? 9  A38 A N6    1 
HETATM 179 N N1    . A38 A 1 9  ? -7.937  5.464   -3.427  1.00 38.66 ? 9  A38 A N1    1 
HETATM 180 C C2    . A38 A 1 9  ? -8.421  6.017   -2.276  1.00 40.54 ? 9  A38 A C2    1 
HETATM 181 N N3    . A38 A 1 9  ? -7.733  6.752   -1.402  1.00 37.51 ? 9  A38 A N3    1 
HETATM 182 C C4    . A38 A 1 9  ? -6.444  6.881   -1.784  1.00 37.33 ? 9  A38 A C4    1 
HETATM 183 O O     . A38 A 1 9  ? -3.287  7.946   -1.488  1.00 25.90 ? 9  A38 A O     1 
ATOM   184 P P     . DG  A 1 10 ? -6.933  11.219  2.718   1.00 64.66 ? 10 DG  A P     1 
ATOM   185 O OP1   . DG  A 1 10 ? -5.691  10.528  3.203   1.00 70.08 ? 10 DG  A OP1   1 
ATOM   186 O OP2   . DG  A 1 10 ? -7.717  11.773  3.854   1.00 64.44 ? 10 DG  A OP2   1 
ATOM   187 O "O5'" . DG  A 1 10 ? -6.573  12.270  1.578   1.00 61.19 ? 10 DG  A "O5'" 1 
ATOM   188 C "C5'" . DG  A 1 10 ? -5.855  11.841  0.393   1.00 55.36 ? 10 DG  A "C5'" 1 
ATOM   189 C "C4'" . DG  A 1 10 ? -4.575  12.632  0.306   1.00 51.05 ? 10 DG  A "C4'" 1 
ATOM   190 O "O4'" . DG  A 1 10 ? -3.735  12.096  -0.716  1.00 45.63 ? 10 DG  A "O4'" 1 
ATOM   191 C "C3'" . DG  A 1 10 ? -4.701  14.081  -0.154  1.00 50.10 ? 10 DG  A "C3'" 1 
ATOM   192 O "O3'" . DG  A 1 10 ? -3.503  14.820  -0.082  1.00 52.08 ? 10 DG  A "O3'" 1 
ATOM   193 C "C2'" . DG  A 1 10 ? -5.149  13.809  -1.598  1.00 45.58 ? 10 DG  A "C2'" 1 
ATOM   194 C "C1'" . DG  A 1 10 ? -4.158  12.720  -1.953  1.00 41.50 ? 10 DG  A "C1'" 1 
ATOM   195 N N9    . DG  A 1 10 ? -4.778  11.731  -2.838  1.00 36.89 ? 10 DG  A N9    1 
ATOM   196 C C8    . DG  A 1 10 ? -6.074  11.291  -2.836  1.00 34.17 ? 10 DG  A C8    1 
ATOM   197 N N7    . DG  A 1 10 ? -6.328  10.393  -3.753  1.00 35.50 ? 10 DG  A N7    1 
ATOM   198 C C5    . DG  A 1 10 ? -5.108  10.221  -4.402  1.00 36.02 ? 10 DG  A C5    1 
ATOM   199 C C6    . DG  A 1 10 ? -4.726  9.378   -5.479  1.00 36.51 ? 10 DG  A C6    1 
ATOM   200 O O6    . DG  A 1 10 ? -5.450  8.585   -6.092  1.00 33.76 ? 10 DG  A O6    1 
ATOM   201 N N1    . DG  A 1 10 ? -3.408  9.490   -5.858  1.00 36.53 ? 10 DG  A N1    1 
ATOM   202 C C2    . DG  A 1 10 ? -2.553  10.342  -5.219  1.00 36.84 ? 10 DG  A C2    1 
ATOM   203 N N2    . DG  A 1 10 ? -1.298  10.340  -5.692  1.00 40.05 ? 10 DG  A N2    1 
ATOM   204 N N3    . DG  A 1 10 ? -2.849  11.146  -4.195  1.00 35.73 ? 10 DG  A N3    1 
ATOM   205 C C4    . DG  A 1 10 ? -4.146  11.034  -3.841  1.00 35.74 ? 10 DG  A C4    1 
ATOM   206 P P     . DC  A 1 11 ? -3.368  16.273  0.572   1.00 51.23 ? 11 DC  A P     1 
ATOM   207 O OP1   . DC  A 1 11 ? -3.204  16.190  2.061   1.00 48.47 ? 11 DC  A OP1   1 
ATOM   208 O OP2   . DC  A 1 11 ? -4.644  16.928  0.176   1.00 55.69 ? 11 DC  A OP2   1 
ATOM   209 O "O5'" . DC  A 1 11 ? -2.088  16.903  -0.133  1.00 51.35 ? 11 DC  A "O5'" 1 
ATOM   210 C "C5'" . DC  A 1 11 ? -0.828  16.203  -0.184  1.00 44.88 ? 11 DC  A "C5'" 1 
ATOM   211 C "C4'" . DC  A 1 11 ? -0.679  15.647  -1.586  1.00 41.41 ? 11 DC  A "C4'" 1 
ATOM   212 O "O4'" . DC  A 1 11 ? -1.963  15.258  -2.072  1.00 33.96 ? 11 DC  A "O4'" 1 
ATOM   213 C "C3'" . DC  A 1 11 ? -0.133  16.609  -2.635  1.00 45.46 ? 11 DC  A "C3'" 1 
ATOM   214 O "O3'" . DC  A 1 11 ? 1.215   16.306  -3.015  1.00 51.78 ? 11 DC  A "O3'" 1 
ATOM   215 C "C2'" . DC  A 1 11 ? -1.103  16.488  -3.819  1.00 37.18 ? 11 DC  A "C2'" 1 
ATOM   216 C "C1'" . DC  A 1 11 ? -1.761  15.168  -3.510  1.00 27.40 ? 11 DC  A "C1'" 1 
ATOM   217 N N1    . DC  A 1 11 ? -3.030  14.912  -4.191  1.00 20.13 ? 11 DC  A N1    1 
ATOM   218 C C2    . DC  A 1 11 ? -2.969  14.192  -5.375  1.00 17.38 ? 11 DC  A C2    1 
ATOM   219 O O2    . DC  A 1 11 ? -1.890  13.825  -5.841  1.00 19.95 ? 11 DC  A O2    1 
ATOM   220 N N3    . DC  A 1 11 ? -4.145  13.905  -6.010  1.00 17.78 ? 11 DC  A N3    1 
ATOM   221 C C4    . DC  A 1 11 ? -5.342  14.296  -5.501  1.00 20.05 ? 11 DC  A C4    1 
ATOM   222 N N4    . DC  A 1 11 ? -6.462  13.993  -6.164  1.00 22.96 ? 11 DC  A N4    1 
ATOM   223 C C5    . DC  A 1 11 ? -5.403  15.016  -4.280  1.00 18.26 ? 11 DC  A C5    1 
ATOM   224 C C6    . DC  A 1 11 ? -4.236  15.296  -3.676  1.00 19.21 ? 11 DC  A C6    1 
ATOM   225 P P     . DG  A 1 12 ? 2.164   17.455  -3.628  1.00 63.88 ? 12 DG  A P     1 
ATOM   226 O OP1   . DG  A 1 12 ? 3.592   16.987  -3.700  1.00 56.36 ? 12 DG  A OP1   1 
ATOM   227 O OP2   . DG  A 1 12 ? 1.980   18.595  -2.694  1.00 61.24 ? 12 DG  A OP2   1 
ATOM   228 O "O5'" . DG  A 1 12 ? 1.557   17.707  -5.085  1.00 61.11 ? 12 DG  A "O5'" 1 
ATOM   229 C "C5'" . DG  A 1 12 ? 1.329   16.570  -5.960  1.00 57.69 ? 12 DG  A "C5'" 1 
ATOM   230 C "C4'" . DG  A 1 12 ? 2.174   16.774  -7.199  1.00 51.37 ? 12 DG  A "C4'" 1 
ATOM   231 O "O4'" . DG  A 1 12 ? 1.426   16.428  -8.352  1.00 41.70 ? 12 DG  A "O4'" 1 
ATOM   232 C "C3'" . DG  A 1 12 ? 2.592   18.219  -7.479  1.00 50.82 ? 12 DG  A "C3'" 1 
ATOM   233 O "O3'" . DG  A 1 12 ? 3.701   18.324  -8.368  1.00 54.88 ? 12 DG  A "O3'" 1 
ATOM   234 C "C2'" . DG  A 1 12 ? 1.294   18.787  -8.043  1.00 43.69 ? 12 DG  A "C2'" 1 
ATOM   235 C "C1'" . DG  A 1 12 ? 0.657   17.586  -8.718  1.00 34.44 ? 12 DG  A "C1'" 1 
ATOM   236 N N9    . DG  A 1 12 ? -0.753  17.486  -8.303  1.00 31.18 ? 12 DG  A N9    1 
ATOM   237 C C8    . DG  A 1 12 ? -1.370  18.061  -7.219  1.00 25.24 ? 12 DG  A C8    1 
ATOM   238 N N7    . DG  A 1 12 ? -2.646  17.783  -7.132  1.00 21.40 ? 12 DG  A N7    1 
ATOM   239 C C5    . DG  A 1 12 ? -2.893  16.982  -8.245  1.00 23.79 ? 12 DG  A C5    1 
ATOM   240 C C6    . DG  A 1 12 ? -4.081  16.361  -8.719  1.00 19.41 ? 12 DG  A C6    1 
ATOM   241 O O6    . DG  A 1 12 ? -5.201  16.418  -8.217  1.00 21.68 ? 12 DG  A O6    1 
ATOM   242 N N1    . DG  A 1 12 ? -3.946  15.637  -9.870  1.00 15.13 ? 12 DG  A N1    1 
ATOM   243 C C2    . DG  A 1 12 ? -2.733  15.520  -10.498 1.00 23.95 ? 12 DG  A C2    1 
ATOM   244 N N2    . DG  A 1 12 ? -2.728  14.769  -11.608 1.00 24.84 ? 12 DG  A N2    1 
ATOM   245 N N3    . DG  A 1 12 ? -1.584  16.079  -10.099 1.00 23.61 ? 12 DG  A N3    1 
ATOM   246 C C4    . DG  A 1 12 ? -1.737  16.790  -8.972  1.00 25.45 ? 12 DG  A C4    1 
ATOM   247 O "O5'" . DC  B 1 1  ? -10.469 11.723  -16.164 1.00 52.24 ? 13 DC  B "O5'" 1 
ATOM   248 C "C5'" . DC  B 1 1  ? -9.919  12.661  -15.198 1.00 52.12 ? 13 DC  B "C5'" 1 
ATOM   249 C "C4'" . DC  B 1 1  ? -8.436  12.330  -15.113 1.00 49.96 ? 13 DC  B "C4'" 1 
ATOM   250 O "O4'" . DC  B 1 1  ? -7.758  13.234  -14.255 1.00 47.90 ? 13 DC  B "O4'" 1 
ATOM   251 C "C3'" . DC  B 1 1  ? -8.145  10.953  -14.535 1.00 50.79 ? 13 DC  B "C3'" 1 
ATOM   252 O "O3'" . DC  B 1 1  ? -6.923  10.382  -15.012 1.00 55.48 ? 13 DC  B "O3'" 1 
ATOM   253 C "C2'" . DC  B 1 1  ? -8.092  11.256  -13.037 1.00 44.82 ? 13 DC  B "C2'" 1 
ATOM   254 C "C1'" . DC  B 1 1  ? -7.252  12.526  -13.111 1.00 37.68 ? 13 DC  B "C1'" 1 
ATOM   255 N N1    . DC  B 1 1  ? -7.370  13.253  -11.845 1.00 26.15 ? 13 DC  B N1    1 
ATOM   256 C C2    . DC  B 1 1  ? -6.214  13.807  -11.329 1.00 22.74 ? 13 DC  B C2    1 
ATOM   257 O O2    . DC  B 1 1  ? -5.147  13.693  -11.926 1.00 21.06 ? 13 DC  B O2    1 
ATOM   258 N N3    . DC  B 1 1  ? -6.305  14.493  -10.151 1.00 28.10 ? 13 DC  B N3    1 
ATOM   259 C C4    . DC  B 1 1  ? -7.479  14.634  -9.492  1.00 27.94 ? 13 DC  B C4    1 
ATOM   260 N N4    . DC  B 1 1  ? -7.570  15.291  -8.334  1.00 31.10 ? 13 DC  B N4    1 
ATOM   261 C C5    . DC  B 1 1  ? -8.667  14.047  -10.027 1.00 28.70 ? 13 DC  B C5    1 
ATOM   262 C C6    . DC  B 1 1  ? -8.560  13.377  -11.189 1.00 26.32 ? 13 DC  B C6    1 
ATOM   263 P P     . DG  B 1 2  ? -6.970  8.813   -15.399 1.00 59.16 ? 14 DG  B P     1 
ATOM   264 O OP1   . DG  B 1 2  ? -7.444  8.663   -16.807 1.00 59.16 ? 14 DG  B OP1   1 
ATOM   265 O OP2   . DG  B 1 2  ? -7.965  8.294   -14.413 1.00 56.55 ? 14 DG  B OP2   1 
ATOM   266 O "O5'" . DG  B 1 2  ? -5.481  8.329   -15.181 1.00 54.97 ? 14 DG  B "O5'" 1 
ATOM   267 C "C5'" . DG  B 1 2  ? -4.351  9.000   -15.766 1.00 47.31 ? 14 DG  B "C5'" 1 
ATOM   268 C "C4'" . DG  B 1 2  ? -3.432  9.399   -14.625 1.00 43.30 ? 14 DG  B "C4'" 1 
ATOM   269 O "O4'" . DG  B 1 2  ? -4.182  10.075  -13.628 1.00 39.72 ? 14 DG  B "O4'" 1 
ATOM   270 C "C3'" . DG  B 1 2  ? -2.747  8.237   -13.913 1.00 44.45 ? 14 DG  B "C3'" 1 
ATOM   271 O "O3'" . DG  B 1 2  ? -1.346  8.167   -14.199 1.00 52.34 ? 14 DG  B "O3'" 1 
ATOM   272 C "C2'" . DG  B 1 2  ? -2.984  8.485   -12.429 1.00 38.08 ? 14 DG  B "C2'" 1 
ATOM   273 C "C1'" . DG  B 1 2  ? -3.443  9.918   -12.389 1.00 32.04 ? 14 DG  B "C1'" 1 
ATOM   274 N N9    . DG  B 1 2  ? -4.261  10.181  -11.208 1.00 28.64 ? 14 DG  B N9    1 
ATOM   275 C C8    . DG  B 1 2  ? -5.566  9.800   -10.986 1.00 26.56 ? 14 DG  B C8    1 
ATOM   276 N N7    . DG  B 1 2  ? -6.051  10.191  -9.838  1.00 22.66 ? 14 DG  B N7    1 
ATOM   277 C C5    . DG  B 1 2  ? -4.986  10.870  -9.248  1.00 25.79 ? 14 DG  B C5    1 
ATOM   278 C C6    . DG  B 1 2  ? -4.873  11.527  -7.994  1.00 25.90 ? 14 DG  B C6    1 
ATOM   279 O O6    . DG  B 1 2  ? -5.744  11.629  -7.123  1.00 26.80 ? 14 DG  B O6    1 
ATOM   280 N N1    . DG  B 1 2  ? -3.648  12.098  -7.761  1.00 21.61 ? 14 DG  B N1    1 
ATOM   281 C C2    . DG  B 1 2  ? -2.634  12.036  -8.663  1.00 20.95 ? 14 DG  B C2    1 
ATOM   282 N N2    . DG  B 1 2  ? -1.497  12.642  -8.280  1.00 22.50 ? 14 DG  B N2    1 
ATOM   283 N N3    . DG  B 1 2  ? -2.683  11.440  -9.857  1.00 24.11 ? 14 DG  B N3    1 
ATOM   284 C C4    . DG  B 1 2  ? -3.887  10.875  -10.079 1.00 26.17 ? 14 DG  B C4    1 
ATOM   285 P P     . DC  B 1 3  ? -0.656  6.865   -14.834 1.00 60.30 ? 15 DC  B P     1 
ATOM   286 O OP1   . DC  B 1 3  ? -0.127  7.153   -16.213 1.00 63.38 ? 15 DC  B OP1   1 
ATOM   287 O OP2   . DC  B 1 3  ? -1.734  5.848   -14.859 1.00 59.77 ? 15 DC  B OP2   1 
ATOM   288 O "O5'" . DC  B 1 3  ? 0.551   6.596   -13.825 1.00 49.61 ? 15 DC  B "O5'" 1 
ATOM   289 C "C5'" . DC  B 1 3  ? 1.560   7.641   -13.732 1.00 45.08 ? 15 DC  B "C5'" 1 
ATOM   290 C "C4'" . DC  B 1 3  ? 1.629   8.050   -12.294 1.00 39.85 ? 15 DC  B "C4'" 1 
ATOM   291 O "O4'" . DC  B 1 3  ? 0.419   8.678   -11.875 1.00 30.96 ? 15 DC  B "O4'" 1 
ATOM   292 C "C3'" . DC  B 1 3  ? 1.761   6.911   -11.274 1.00 44.95 ? 15 DC  B "C3'" 1 
ATOM   293 O "O3'" . DC  B 1 3  ? 2.990   6.195   -11.296 1.00 50.09 ? 15 DC  B "O3'" 1 
ATOM   294 C "C2'" . DC  B 1 3  ? 1.539   7.719   -9.991  1.00 39.32 ? 15 DC  B "C2'" 1 
ATOM   295 C "C1'" . DC  B 1 3  ? 0.456   8.693   -10.427 1.00 29.22 ? 15 DC  B "C1'" 1 
ATOM   296 N N1    . DC  B 1 3  ? -0.825  8.307   -9.818  1.00 21.02 ? 15 DC  B N1    1 
ATOM   297 C C2    . DC  B 1 3  ? -1.136  8.879   -8.581  1.00 18.14 ? 15 DC  B C2    1 
ATOM   298 O O2    . DC  B 1 3  ? -0.347  9.663   -8.056  1.00 21.92 ? 15 DC  B O2    1 
ATOM   299 N N3    . DC  B 1 3  ? -2.334  8.560   -8.017  1.00 12.23 ? 15 DC  B N3    1 
ATOM   300 C C4    . DC  B 1 3  ? -3.192  7.691   -8.609  1.00 18.80 ? 15 DC  B C4    1 
ATOM   301 N N4    . DC  B 1 3  ? -4.341  7.398   -7.999  1.00 21.38 ? 15 DC  B N4    1 
ATOM   302 C C5    . DC  B 1 3  ? -2.868  7.106   -9.867  1.00 18.37 ? 15 DC  B C5    1 
ATOM   303 C C6    . DC  B 1 3  ? -1.691  7.441   -10.414 1.00 16.51 ? 15 DC  B C6    1 
ATOM   304 P P     . DG  B 1 4  ? 4.399   6.816   -10.866 1.00 56.38 ? 16 DG  B P     1 
ATOM   305 O OP1   . DG  B 1 4  ? 4.304   8.307   -10.662 1.00 59.14 ? 16 DG  B OP1   1 
ATOM   306 O OP2   . DG  B 1 4  ? 5.304   6.465   -12.002 1.00 59.73 ? 16 DG  B OP2   1 
ATOM   307 O "O5'" . DG  B 1 4  ? 4.777   6.092   -9.501  1.00 50.20 ? 16 DG  B "O5'" 1 
ATOM   308 C "C5'" . DG  B 1 4  ? 5.703   6.783   -8.610  1.00 42.06 ? 16 DG  B "C5'" 1 
ATOM   309 C "C4'" . DG  B 1 4  ? 4.818   7.472   -7.592  1.00 38.16 ? 16 DG  B "C4'" 1 
ATOM   310 O "O4'" . DG  B 1 4  ? 3.457   7.134   -7.814  1.00 36.13 ? 16 DG  B "O4'" 1 
ATOM   311 C "C3'" . DG  B 1 4  ? 5.108   7.059   -6.166  1.00 41.79 ? 16 DG  B "C3'" 1 
ATOM   312 O "O3'" . DG  B 1 4  ? 5.805   8.086   -5.435  1.00 49.03 ? 16 DG  B "O3'" 1 
ATOM   313 C "C2'" . DG  B 1 4  ? 3.757   6.754   -5.532  1.00 37.19 ? 16 DG  B "C2'" 1 
ATOM   314 C "C1'" . DG  B 1 4  ? 2.800   7.339   -6.542  1.00 31.63 ? 16 DG  B "C1'" 1 
ATOM   315 N N9    . DG  B 1 4  ? 1.481   6.711   -6.434  1.00 29.05 ? 16 DG  B N9    1 
ATOM   316 C C8    . DG  B 1 4  ? 0.893   5.737   -7.197  1.00 27.00 ? 16 DG  B C8    1 
ATOM   317 N N7    . DG  B 1 4  ? -0.337  5.449   -6.839  1.00 29.05 ? 16 DG  B N7    1 
ATOM   318 C C5    . DG  B 1 4  ? -0.574  6.282   -5.744  1.00 27.69 ? 16 DG  B C5    1 
ATOM   319 C C6    . DG  B 1 4  ? -1.700  6.441   -4.909  1.00 28.35 ? 16 DG  B C6    1 
ATOM   320 O O6    . DG  B 1 4  ? -2.786  5.849   -4.956  1.00 29.70 ? 16 DG  B O6    1 
ATOM   321 N N1    . DG  B 1 4  ? -1.556  7.393   -3.927  1.00 28.56 ? 16 DG  B N1    1 
ATOM   322 C C2    . DG  B 1 4  ? -0.407  8.117   -3.783  1.00 30.21 ? 16 DG  B C2    1 
ATOM   323 N N2    . DG  B 1 4  ? -0.416  9.003   -2.775  1.00 35.68 ? 16 DG  B N2    1 
ATOM   324 N N3    . DG  B 1 4  ? 0.680   7.995   -4.535  1.00 26.05 ? 16 DG  B N3    1 
ATOM   325 C C4    . DG  B 1 4  ? 0.528   7.071   -5.494  1.00 27.72 ? 16 DG  B C4    1 
ATOM   326 P P     . DA  B 1 5  ? 6.977   7.533   -4.456  1.00 49.71 ? 17 DA  B P     1 
ATOM   327 O OP1   . DA  B 1 5  ? 8.023   8.566   -4.206  1.00 59.85 ? 17 DA  B OP1   1 
ATOM   328 O OP2   . DA  B 1 5  ? 7.484   6.388   -5.268  1.00 58.17 ? 17 DA  B OP2   1 
ATOM   329 O "O5'" . DA  B 1 5  ? 6.186   7.169   -3.126  1.00 50.59 ? 17 DA  B "O5'" 1 
ATOM   330 C "C5'" . DA  B 1 5  ? 6.380   8.010   -1.957  1.00 46.87 ? 17 DA  B "C5'" 1 
ATOM   331 C "C4'" . DA  B 1 5  ? 4.990   8.397   -1.466  1.00 39.42 ? 17 DA  B "C4'" 1 
ATOM   332 O "O4'" . DA  B 1 5  ? 4.012   7.789   -2.280  1.00 30.69 ? 17 DA  B "O4'" 1 
ATOM   333 C "C3'" . DA  B 1 5  ? 4.713   7.954   -0.032  1.00 37.59 ? 17 DA  B "C3'" 1 
ATOM   334 O "O3'" . DA  B 1 5  ? 4.345   9.072   0.796   1.00 44.46 ? 17 DA  B "O3'" 1 
ATOM   335 C "C2'" . DA  B 1 5  ? 3.625   6.900   -0.150  1.00 31.46 ? 17 DA  B "C2'" 1 
ATOM   336 C "C1'" . DA  B 1 5  ? 2.947   7.271   -1.444  1.00 22.53 ? 17 DA  B "C1'" 1 
ATOM   337 N N9    . DA  B 1 5  ? 2.275   6.159   -2.129  1.00 15.45 ? 17 DA  B N9    1 
ATOM   338 C C8    . DA  B 1 5  ? 2.785   5.317   -3.090  1.00 12.55 ? 17 DA  B C8    1 
ATOM   339 N N7    . DA  B 1 5  ? 1.928   4.436   -3.542  1.00 8.95  ? 17 DA  B N7    1 
ATOM   340 C C5    . DA  B 1 5  ? 0.760   4.739   -2.850  1.00 8.15  ? 17 DA  B C5    1 
ATOM   341 C C6    . DA  B 1 5  ? -0.532  4.154   -2.902  1.00 7.96  ? 17 DA  B C6    1 
ATOM   342 N N6    . DA  B 1 5  ? -0.852  3.123   -3.675  1.00 4.00  ? 17 DA  B N6    1 
ATOM   343 N N1    . DA  B 1 5  ? -1.448  4.722   -2.060  1.00 4.00  ? 17 DA  B N1    1 
ATOM   344 C C2    . DA  B 1 5  ? -1.132  5.756   -1.235  1.00 10.99 ? 17 DA  B C2    1 
ATOM   345 N N3    . DA  B 1 5  ? 0.062   6.348   -1.142  1.00 12.52 ? 17 DA  B N3    1 
ATOM   346 C C4    . DA  B 1 5  ? 0.957   5.784   -1.981  1.00 10.45 ? 17 DA  B C4    1 
ATOM   347 P P     . DA  B 1 6  ? 4.877   9.066   2.325   1.00 55.42 ? 18 DA  B P     1 
ATOM   348 O OP1   . DA  B 1 6  ? 5.179   10.426  2.863   1.00 47.11 ? 18 DA  B OP1   1 
ATOM   349 O OP2   . DA  B 1 6  ? 6.103   8.233   2.212   1.00 56.45 ? 18 DA  B OP2   1 
ATOM   350 O "O5'" . DA  B 1 6  ? 3.634   8.404   3.077   1.00 47.86 ? 18 DA  B "O5'" 1 
ATOM   351 C "C5'" . DA  B 1 6  ? 2.313   8.691   2.538   1.00 43.82 ? 18 DA  B "C5'" 1 
ATOM   352 C "C4'" . DA  B 1 6  ? 1.366   7.769   3.273   1.00 38.74 ? 18 DA  B "C4'" 1 
ATOM   353 O "O4'" . DA  B 1 6  ? 0.908   6.760   2.391   1.00 36.50 ? 18 DA  B "O4'" 1 
ATOM   354 C "C3'" . DA  B 1 6  ? 2.006   7.034   4.453   1.00 36.35 ? 18 DA  B "C3'" 1 
ATOM   355 O "O3'" . DA  B 1 6  ? 1.075   6.808   5.501   1.00 40.16 ? 18 DA  B "O3'" 1 
ATOM   356 C "C2'" . DA  B 1 6  ? 2.523   5.775   3.747   1.00 32.25 ? 18 DA  B "C2'" 1 
ATOM   357 C "C1'" . DA  B 1 6  ? 1.335   5.456   2.862   1.00 22.89 ? 18 DA  B "C1'" 1 
ATOM   358 N N9    . DA  B 1 6  ? 1.629   4.559   1.738   1.00 13.81 ? 18 DA  B N9    1 
ATOM   359 C C8    . DA  B 1 6  ? 2.804   4.378   1.067   1.00 12.80 ? 18 DA  B C8    1 
ATOM   360 N N7    . DA  B 1 6  ? 2.722   3.515   0.072   1.00 9.31  ? 18 DA  B N7    1 
ATOM   361 C C5    . DA  B 1 6  ? 1.398   3.101   0.098   1.00 7.05  ? 18 DA  B C5    1 
ATOM   362 C C6    . DA  B 1 6  ? 0.689   2.180   -0.713  1.00 4.00  ? 18 DA  B C6    1 
ATOM   363 N N6    . DA  B 1 6  ? 1.225   1.506   -1.705  1.00 4.00  ? 18 DA  B N6    1 
ATOM   364 N N1    . DA  B 1 6  ? -0.633  2.018   -0.392  1.00 4.45  ? 18 DA  B N1    1 
ATOM   365 C C2    . DA  B 1 6  ? -1.199  2.696   0.644   1.00 8.53  ? 18 DA  B C2    1 
ATOM   366 N N3    . DA  B 1 6  ? -0.586  3.578   1.435   1.00 7.13  ? 18 DA  B N3    1 
ATOM   367 C C4    . DA  B 1 6  ? 0.712   3.736   1.108   1.00 8.46  ? 18 DA  B C4    1 
ATOM   368 P P     . DT  B 1 7  ? 1.479   6.375   6.998   1.00 45.18 ? 19 DT  B P     1 
ATOM   369 O OP1   . DT  B 1 7  ? 0.693   7.140   8.023   1.00 43.98 ? 19 DT  B OP1   1 
ATOM   370 O OP2   . DT  B 1 7  ? 2.934   6.650   7.063   1.00 48.51 ? 19 DT  B OP2   1 
ATOM   371 O "O5'" . DT  B 1 7  ? 1.078   4.828   7.054   1.00 43.28 ? 19 DT  B "O5'" 1 
ATOM   372 C "C5'" . DT  B 1 7  ? -0.257  4.537   7.544   1.00 45.49 ? 19 DT  B "C5'" 1 
ATOM   373 C "C4'" . DT  B 1 7  ? -0.959  3.759   6.453   1.00 45.52 ? 19 DT  B "C4'" 1 
ATOM   374 O "O4'" . DT  B 1 7  ? -0.049  3.395   5.429   1.00 44.73 ? 19 DT  B "O4'" 1 
ATOM   375 C "C3'" . DT  B 1 7  ? -1.562  2.431   6.923   1.00 45.56 ? 19 DT  B "C3'" 1 
ATOM   376 O "O3'" . DT  B 1 7  ? -2.963  2.593   7.213   1.00 47.53 ? 19 DT  B "O3'" 1 
ATOM   377 C "C2'" . DT  B 1 7  ? -1.305  1.443   5.799   1.00 41.45 ? 19 DT  B "C2'" 1 
ATOM   378 C "C1'" . DT  B 1 7  ? -0.654  2.266   4.729   1.00 34.99 ? 19 DT  B "C1'" 1 
ATOM   379 N N1    . DT  B 1 7  ? 0.360   1.526   3.967   1.00 28.43 ? 19 DT  B N1    1 
ATOM   380 C C2    . DT  B 1 7  ? -0.106  0.675   2.970   1.00 26.84 ? 19 DT  B C2    1 
ATOM   381 O O2    . DT  B 1 7  ? -1.313  0.521   2.776   1.00 22.25 ? 19 DT  B O2    1 
ATOM   382 N N3    . DT  B 1 7  ? 0.831   0.005   2.239   1.00 20.31 ? 19 DT  B N3    1 
ATOM   383 C C4    . DT  B 1 7  ? 2.167   0.142   2.443   1.00 18.08 ? 19 DT  B C4    1 
ATOM   384 O O4    . DT  B 1 7  ? 2.941   -0.526  1.698   1.00 23.10 ? 19 DT  B O4    1 
ATOM   385 C C5    . DT  B 1 7  ? 2.623   1.022   3.463   1.00 20.63 ? 19 DT  B C5    1 
ATOM   386 C C7    . DT  B 1 7  ? 4.094   1.198   3.709   1.00 17.58 ? 19 DT  B C7    1 
ATOM   387 C C6    . DT  B 1 7  ? 1.701   1.681   4.175   1.00 20.83 ? 19 DT  B C6    1 
ATOM   388 P P     . DT  B 1 8  ? -3.492  2.032   8.631   1.00 52.32 ? 20 DT  B P     1 
ATOM   389 O OP1   . DT  B 1 8  ? -4.572  2.902   9.171   1.00 51.29 ? 20 DT  B OP1   1 
ATOM   390 O OP2   . DT  B 1 8  ? -2.247  2.069   9.451   1.00 54.34 ? 20 DT  B OP2   1 
ATOM   391 O "O5'" . DT  B 1 8  ? -4.006  0.566   8.244   1.00 54.32 ? 20 DT  B "O5'" 1 
ATOM   392 C "C5'" . DT  B 1 8  ? -4.686  0.382   6.984   1.00 51.24 ? 20 DT  B "C5'" 1 
ATOM   393 C "C4'" . DT  B 1 8  ? -4.467  -1.018  6.444   1.00 45.37 ? 20 DT  B "C4'" 1 
ATOM   394 O "O4'" . DT  B 1 8  ? -3.245  -1.044  5.699   1.00 42.48 ? 20 DT  B "O4'" 1 
ATOM   395 C "C3'" . DT  B 1 8  ? -4.345  -2.127  7.476   1.00 45.11 ? 20 DT  B "C3'" 1 
ATOM   396 O "O3'" . DT  B 1 8  ? -5.203  -3.239  7.195   1.00 46.32 ? 20 DT  B "O3'" 1 
ATOM   397 C "C2'" . DT  B 1 8  ? -2.867  -2.527  7.415   1.00 39.97 ? 20 DT  B "C2'" 1 
ATOM   398 C "C1'" . DT  B 1 8  ? -2.644  -2.345  5.927   1.00 32.73 ? 20 DT  B "C1'" 1 
ATOM   399 N N1    . DT  B 1 8  ? -1.233  -2.399  5.548   1.00 26.52 ? 20 DT  B N1    1 
ATOM   400 C C2    . DT  B 1 8  ? -0.929  -3.140  4.406   1.00 23.50 ? 20 DT  B C2    1 
ATOM   401 O O2    . DT  B 1 8  ? -1.785  -3.735  3.760   1.00 20.31 ? 20 DT  B O2    1 
ATOM   402 N N3    . DT  B 1 8  ? 0.377   -3.193  4.016   1.00 25.17 ? 20 DT  B N3    1 
ATOM   403 C C4    . DT  B 1 8  ? 1.374   -2.565  4.691   1.00 22.62 ? 20 DT  B C4    1 
ATOM   404 O O4    . DT  B 1 8  ? 2.545   -2.709  4.235   1.00 22.34 ? 20 DT  B O4    1 
ATOM   405 C C5    . DT  B 1 8  ? 1.043   -1.808  5.848   1.00 26.34 ? 20 DT  B C5    1 
ATOM   406 C C7    . DT  B 1 8  ? 2.116   -1.095  6.621   1.00 32.48 ? 20 DT  B C7    1 
ATOM   407 C C6    . DT  B 1 8  ? -0.243  -1.754  6.228   1.00 22.31 ? 20 DT  B C6    1 
HETATM 408 O O3P   . A38 B 1 9  ? -7.130  -3.694  8.804   1.00 46.50 ? 21 A38 B O3P   1 
HETATM 409 P P     . A38 B 1 9  ? -5.770  -4.168  8.375   1.00 50.80 ? 21 A38 B P     1 
HETATM 410 O O2P   . A38 B 1 9  ? -4.759  -4.002  9.454   1.00 51.64 ? 21 A38 B O2P   1 
HETATM 411 O "O5'" . A38 B 1 9  ? -5.828  -5.625  7.749   1.00 43.70 ? 21 A38 B "O5'" 1 
HETATM 412 C "C5'" . A38 B 1 9  ? -5.714  -5.853  6.322   1.00 39.33 ? 21 A38 B "C5'" 1 
HETATM 413 C "C4'" . A38 B 1 9  ? -4.849  -7.080  6.142   1.00 37.71 ? 21 A38 B "C4'" 1 
HETATM 414 O "O4'" . A38 B 1 9  ? -3.617  -6.709  5.515   1.00 34.25 ? 21 A38 B "O4'" 1 
HETATM 415 C "C3'" . A38 B 1 9  ? -4.460  -7.777  7.442   1.00 44.09 ? 21 A38 B "C3'" 1 
HETATM 416 O "O3'" . A38 B 1 9  ? -4.364  -9.178  7.348   1.00 54.93 ? 21 A38 B "O3'" 1 
HETATM 417 C "C2'" . A38 B 1 9  ? -3.086  -7.142  7.720   1.00 33.96 ? 21 A38 B "C2'" 1 
HETATM 418 C "C1'" . A38 B 1 9  ? -2.557  -7.312  6.281   1.00 30.23 ? 21 A38 B "C1'" 1 
HETATM 419 N N9    . A38 B 1 9  ? -1.225  -6.737  6.154   1.00 24.13 ? 21 A38 B N9    1 
HETATM 420 C C8    . A38 B 1 9  ? -0.326  -6.908  5.127   1.00 21.07 ? 21 A38 B C8    1 
HETATM 421 N N7    . A38 B 1 9  ? 0.819   -6.291  5.293   1.00 23.21 ? 21 A38 B N7    1 
HETATM 422 C C5    . A38 B 1 9  ? 0.669   -5.671  6.528   1.00 24.97 ? 21 A38 B C5    1 
HETATM 423 C C6    . A38 B 1 9  ? 1.547   -4.852  7.276   1.00 25.29 ? 21 A38 B C6    1 
HETATM 424 N N6    . A38 B 1 9  ? 2.761   -4.517  6.879   1.00 27.04 ? 21 A38 B N6    1 
HETATM 425 N N1    . A38 B 1 9  ? 1.056   -4.402  8.473   1.00 29.54 ? 21 A38 B N1    1 
HETATM 426 C C2    . A38 B 1 9  ? -0.198  -4.742  8.892   1.00 31.65 ? 21 A38 B C2    1 
HETATM 427 N N3    . A38 B 1 9  ? -1.079  -5.510  8.244   1.00 24.73 ? 21 A38 B N3    1 
HETATM 428 C C4    . A38 B 1 9  ? -0.572  -5.942  7.069   1.00 25.80 ? 21 A38 B C4    1 
HETATM 429 O O     . A38 B 1 9  ? -0.648  -7.588  4.166   1.00 22.38 ? 21 A38 B O     1 
ATOM   430 P P     . DG  B 1 10 ? -5.322  -10.336 7.887   1.00 65.92 ? 22 DG  B P     1 
ATOM   431 O OP1   . DG  B 1 10 ? -6.653  -10.350 7.187   1.00 58.47 ? 22 DG  B OP1   1 
ATOM   432 O OP2   . DG  B 1 10 ? -5.454  -10.066 9.344   1.00 60.18 ? 22 DG  B OP2   1 
ATOM   433 O "O5'" . DG  B 1 10 ? -4.484  -11.670 7.548   1.00 63.21 ? 22 DG  B "O5'" 1 
ATOM   434 C "C5'" . DG  B 1 10 ? -4.630  -12.290 6.255   1.00 57.97 ? 22 DG  B "C5'" 1 
ATOM   435 C "C4'" . DG  B 1 10 ? -3.289  -12.818 5.783   1.00 51.92 ? 22 DG  B "C4'" 1 
ATOM   436 O "O4'" . DG  B 1 10 ? -2.343  -11.742 5.688   1.00 44.92 ? 22 DG  B "O4'" 1 
ATOM   437 C "C3'" . DG  B 1 10 ? -2.644  -13.856 6.697   1.00 47.98 ? 22 DG  B "C3'" 1 
ATOM   438 O "O3'" . DG  B 1 10 ? -1.912  -14.851 6.016   1.00 48.05 ? 22 DG  B "O3'" 1 
ATOM   439 C "C2'" . DG  B 1 10 ? -1.724  -12.975 7.553   1.00 43.22 ? 22 DG  B "C2'" 1 
ATOM   440 C "C1'" . DG  B 1 10 ? -1.163  -12.109 6.410   1.00 34.59 ? 22 DG  B "C1'" 1 
ATOM   441 N N9    . DG  B 1 10 ? -0.386  -11.017 6.996   1.00 26.97 ? 22 DG  B N9    1 
ATOM   442 C C8    . DG  B 1 10 ? -0.679  -10.282 8.117   1.00 26.12 ? 22 DG  B C8    1 
ATOM   443 N N7    . DG  B 1 10 ? 0.225   -9.383  8.411   1.00 23.51 ? 22 DG  B N7    1 
ATOM   444 C C5    . DG  B 1 10 ? 1.192   -9.540  7.425   1.00 21.17 ? 22 DG  B C5    1 
ATOM   445 C C6    . DG  B 1 10 ? 2.421   -8.875  7.194   1.00 21.20 ? 22 DG  B C6    1 
ATOM   446 O O6    . DG  B 1 10 ? 2.901   -7.955  7.864   1.00 22.55 ? 22 DG  B O6    1 
ATOM   447 N N1    . DG  B 1 10 ? 3.133   -9.325  6.104   1.00 19.15 ? 22 DG  B N1    1 
ATOM   448 C C2    . DG  B 1 10 ? 2.661   -10.331 5.313   1.00 17.76 ? 22 DG  B C2    1 
ATOM   449 N N2    . DG  B 1 10 ? 3.455   -10.666 4.289   1.00 17.05 ? 22 DG  B N2    1 
ATOM   450 N N3    . DG  B 1 10 ? 1.514   -10.988 5.478   1.00 21.33 ? 22 DG  B N3    1 
ATOM   451 C C4    . DG  B 1 10 ? 0.829   -10.545 6.555   1.00 21.86 ? 22 DG  B C4    1 
ATOM   452 P P     . DC  B 1 11 ? -2.522  -16.053 5.157   1.00 48.09 ? 23 DC  B P     1 
ATOM   453 O OP1   . DC  B 1 11 ? -3.688  -15.637 4.314   1.00 47.61 ? 23 DC  B OP1   1 
ATOM   454 O OP2   . DC  B 1 11 ? -2.929  -17.032 6.209   1.00 51.48 ? 23 DC  B OP2   1 
ATOM   455 O "O5'" . DC  B 1 11 ? -1.295  -16.558 4.273   1.00 49.52 ? 23 DC  B "O5'" 1 
ATOM   456 C "C5'" . DC  B 1 11 ? -0.758  -15.768 3.200   1.00 49.62 ? 23 DC  B "C5'" 1 
ATOM   457 C "C4'" . DC  B 1 11 ? 0.725   -15.517 3.435   1.00 47.34 ? 23 DC  B "C4'" 1 
ATOM   458 O "O4'" . DC  B 1 11 ? 0.862   -14.481 4.417   1.00 39.43 ? 23 DC  B "O4'" 1 
ATOM   459 C "C3'" . DC  B 1 11 ? 1.520   -16.710 3.939   1.00 49.20 ? 23 DC  B "C3'" 1 
ATOM   460 O "O3'" . DC  B 1 11 ? 2.569   -17.152 3.061   1.00 54.16 ? 23 DC  B "O3'" 1 
ATOM   461 C "C2'" . DC  B 1 11 ? 2.109   -16.241 5.268   1.00 41.44 ? 23 DC  B "C2'" 1 
ATOM   462 C "C1'" . DC  B 1 11 ? 2.104   -14.736 5.093   1.00 30.52 ? 23 DC  B "C1'" 1 
ATOM   463 N N1    . DC  B 1 11 ? 2.249   -14.095 6.406   1.00 21.18 ? 23 DC  B N1    1 
ATOM   464 C C2    . DC  B 1 11 ? 3.464   -13.451 6.645   1.00 16.38 ? 23 DC  B C2    1 
ATOM   465 O O2    . DC  B 1 11 ? 4.340   -13.417 5.785   1.00 12.06 ? 23 DC  B O2    1 
ATOM   466 N N3    . DC  B 1 11 ? 3.638   -12.857 7.858   1.00 18.83 ? 23 DC  B N3    1 
ATOM   467 C C4    . DC  B 1 11 ? 2.672   -12.876 8.819   1.00 17.15 ? 23 DC  B C4    1 
ATOM   468 N N4    . DC  B 1 11 ? 2.895   -12.286 9.997   1.00 12.38 ? 23 DC  B N4    1 
ATOM   469 C C5    . DC  B 1 11 ? 1.440   -13.554 8.567   1.00 16.95 ? 23 DC  B C5    1 
ATOM   470 C C6    . DC  B 1 11 ? 1.282   -14.141 7.369   1.00 15.28 ? 23 DC  B C6    1 
ATOM   471 P P     . DG  B 1 12 ? 3.090   -18.677 3.081   1.00 56.80 ? 24 DG  B P     1 
ATOM   472 O OP1   . DG  B 1 12 ? 3.146   -19.178 1.661   1.00 58.38 ? 24 DG  B OP1   1 
ATOM   473 O OP2   . DG  B 1 12 ? 2.102   -19.424 3.908   1.00 52.83 ? 24 DG  B OP2   1 
ATOM   474 O "O5'" . DG  B 1 12 ? 4.541   -18.611 3.737   1.00 46.39 ? 24 DG  B "O5'" 1 
ATOM   475 C "C5'" . DG  B 1 12 ? 5.699   -18.490 2.866   1.00 42.48 ? 24 DG  B "C5'" 1 
ATOM   476 C "C4'" . DG  B 1 12 ? 6.801   -17.937 3.741   1.00 38.98 ? 24 DG  B "C4'" 1 
ATOM   477 O "O4'" . DG  B 1 12 ? 6.378   -16.804 4.464   1.00 31.95 ? 24 DG  B "O4'" 1 
ATOM   478 C "C3'" . DG  B 1 12 ? 7.252   -18.912 4.832   1.00 40.12 ? 24 DG  B "C3'" 1 
ATOM   479 O "O3'" . DG  B 1 12 ? 8.074   -19.954 4.306   1.00 45.10 ? 24 DG  B "O3'" 1 
ATOM   480 C "C2'" . DG  B 1 12 ? 7.951   -17.968 5.808   1.00 36.95 ? 24 DG  B "C2'" 1 
ATOM   481 C "C1'" . DG  B 1 12 ? 7.215   -16.660 5.637   1.00 27.40 ? 24 DG  B "C1'" 1 
ATOM   482 N N9    . DG  B 1 12 ? 6.426   -16.317 6.833   1.00 26.31 ? 24 DG  B N9    1 
ATOM   483 C C8    . DG  B 1 12 ? 5.173   -16.769 7.196   1.00 15.87 ? 24 DG  B C8    1 
ATOM   484 N N7    . DG  B 1 12 ? 4.734   -16.269 8.315   1.00 10.14 ? 24 DG  B N7    1 
ATOM   485 C C5    . DG  B 1 12 ? 5.752   -15.413 8.726   1.00 15.70 ? 24 DG  B C5    1 
ATOM   486 C C6    . DG  B 1 12 ? 5.875   -14.580 9.867   1.00 12.29 ? 24 DG  B C6    1 
ATOM   487 O O6    . DG  B 1 12 ? 5.061   -14.431 10.778  1.00 7.05  ? 24 DG  B O6    1 
ATOM   488 N N1    . DG  B 1 12 ? 7.043   -13.871 9.946   1.00 14.82 ? 24 DG  B N1    1 
ATOM   489 C C2    . DG  B 1 12 ? 8.011   -13.985 8.985   1.00 22.08 ? 24 DG  B C2    1 
ATOM   490 N N2    . DG  B 1 12 ? 9.106   -13.234 9.191   1.00 19.96 ? 24 DG  B N2    1 
ATOM   491 N N3    . DG  B 1 12 ? 7.951   -14.754 7.894   1.00 20.53 ? 24 DG  B N3    1 
ATOM   492 C C4    . DG  B 1 12 ? 6.795   -15.433 7.832   1.00 19.55 ? 24 DG  B C4    1 
HETATM 493 O O     . HOH C 2 .  ? 16.570  -6.933  6.913   1.00 5.83  ? 25 HOH A O     1 
HETATM 494 O O     . HOH C 2 .  ? -9.482  11.603  6.416   1.00 34.08 ? 26 HOH A O     1 
HETATM 495 O O     . HOH C 2 .  ? -4.040  20.146  -5.031  1.00 4.00  ? 28 HOH A O     1 
HETATM 496 O O     . HOH C 2 .  ? 8.527   -6.415  -6.316  1.00 10.59 ? 31 HOH A O     1 
HETATM 497 O O     . HOH C 2 .  ? 9.455   -3.872  8.183   1.00 43.56 ? 32 HOH A O     1 
HETATM 498 O O     . HOH C 2 .  ? -3.564  -5.125  1.605   1.00 28.38 ? 33 HOH A O     1 
HETATM 499 O O     . HOH C 2 .  ? -9.504  3.512   -5.019  1.00 28.23 ? 35 HOH A O     1 
HETATM 500 O O     . HOH C 2 .  ? -4.175  3.536   2.117   1.00 49.75 ? 36 HOH A O     1 
HETATM 501 O O     . HOH C 2 .  ? -0.508  -9.632  0.664   1.00 10.18 ? 37 HOH A O     1 
HETATM 502 O O     . HOH C 2 .  ? 8.015   -11.061 17.642  1.00 28.69 ? 38 HOH A O     1 
HETATM 503 O O     . HOH C 2 .  ? -6.302  4.421   4.216   1.00 4.00  ? 40 HOH A O     1 
HETATM 504 O O     . HOH C 2 .  ? -5.254  -9.056  -7.080  1.00 14.82 ? 41 HOH A O     1 
HETATM 505 O O     . HOH C 2 .  ? 6.799   -8.058  -9.190  1.00 12.15 ? 42 HOH A O     1 
HETATM 506 O O     . HOH C 2 .  ? 1.522   -11.771 -6.126  1.00 4.00  ? 43 HOH A O     1 
HETATM 507 O O     . HOH C 2 .  ? -1.373  -12.086 -0.991  1.00 7.56  ? 44 HOH A O     1 
HETATM 508 O O     . HOH C 2 .  ? -6.106  18.560  -6.267  1.00 30.07 ? 46 HOH A O     1 
HETATM 509 O O     . HOH C 2 .  ? -3.226  0.896   -6.694  1.00 19.14 ? 48 HOH A O     1 
HETATM 510 O O     . HOH C 2 .  ? 9.804   -1.745  4.582   1.00 49.67 ? 50 HOH A O     1 
HETATM 511 O O     . HOH C 2 .  ? 12.500  -12.861 -7.659  1.00 41.39 ? 51 HOH A O     1 
HETATM 512 O O     . HOH C 2 .  ? 1.983   -14.256 -3.487  1.00 64.25 ? 52 HOH A O     1 
HETATM 513 O O     . HOH C 2 .  ? 5.130   -4.656  -1.468  1.00 19.89 ? 54 HOH A O     1 
HETATM 514 O O     . HOH C 2 .  ? 9.566   -12.961 -5.585  1.00 61.38 ? 55 HOH A O     1 
HETATM 515 O O     . HOH C 2 .  ? -9.462  -6.522  1.892   1.00 23.19 ? 56 HOH A O     1 
HETATM 516 O O     . HOH C 2 .  ? 5.411   -4.313  9.412   1.00 35.75 ? 59 HOH A O     1 
HETATM 517 O O     . HOH C 2 .  ? -13.436 -0.381  -3.095  1.00 37.61 ? 60 HOH A O     1 
HETATM 518 O O     . HOH C 2 .  ? 5.571   -2.018  14.122  1.00 40.06 ? 61 HOH A O     1 
HETATM 519 O O     . HOH C 2 .  ? -8.059  -7.254  -0.148  1.00 4.00  ? 62 HOH A O     1 
HETATM 520 O O     . HOH C 2 .  ? -9.820  -13.596 0.299   1.00 21.24 ? 63 HOH A O     1 
HETATM 521 O O     . HOH C 2 .  ? 0.038   -3.645  -8.045  1.00 57.52 ? 64 HOH A O     1 
HETATM 522 O O     . HOH C 2 .  ? 7.558   -3.915  11.972  1.00 66.65 ? 65 HOH A O     1 
HETATM 523 O O     . HOH C 2 .  ? -4.666  -8.337  -0.281  1.00 4.00  ? 72 HOH A O     1 
HETATM 524 O O     . HOH C 2 .  ? 11.361  -10.549 -6.181  1.00 4.00  ? 74 HOH A O     1 
HETATM 525 O O     . HOH C 2 .  ? -6.047  17.734  -2.032  1.00 25.00 ? 77 HOH A O     1 
HETATM 526 O O     . HOH C 2 .  ? 0.170   -1.978  -10.922 1.00 33.87 ? 78 HOH A O     1 
HETATM 527 O O     . HOH C 2 .  ? -0.069  -0.697  -5.591  1.00 26.75 ? 79 HOH A O     1 
HETATM 528 O O     . HOH C 2 .  ? -5.491  -9.330  -9.899  1.00 37.83 ? 80 HOH A O     1 
HETATM 529 O O     . HOH C 2 .  ? 2.837   -6.061  -8.062  1.00 46.12 ? 84 HOH A O     1 
HETATM 530 O O     . HOH C 2 .  ? -7.060  4.402   6.658   1.00 39.85 ? 86 HOH A O     1 
HETATM 531 O O     . HOH C 2 .  ? -9.909  -9.689  0.491   1.00 56.66 ? 87 HOH A O     1 
HETATM 532 O O     . HOH C 2 .  ? 1.013   -8.141  -6.846  1.00 40.54 ? 88 HOH A O     1 
HETATM 533 O O     . HOH C 2 .  ? -9.348  14.577  -5.680  1.00 47.85 ? 89 HOH A O     1 
HETATM 534 O O     . HOH C 2 .  ? 6.277   -3.882  -3.982  1.00 43.16 ? 90 HOH A O     1 
HETATM 535 O O     . HOH C 2 .  ? 6.993   -2.700  -0.749  1.00 70.60 ? 91 HOH A O     1 
HETATM 536 O O     . HOH D 2 .  ? -8.007  10.429  -7.821  1.00 35.00 ? 27 HOH B O     1 
HETATM 537 O O     . HOH D 2 .  ? -8.094  -12.819 5.130   1.00 64.54 ? 29 HOH B O     1 
HETATM 538 O O     . HOH D 2 .  ? -10.264 8.541   -6.011  1.00 4.55  ? 30 HOH B O     1 
HETATM 539 O O     . HOH D 2 .  ? -6.008  -16.789 6.283   1.00 43.06 ? 34 HOH B O     1 
HETATM 540 O O     . HOH D 2 .  ? 4.184   12.886  5.025   1.00 42.18 ? 39 HOH B O     1 
HETATM 541 O O     . HOH D 2 .  ? -12.153 6.430   -8.898  1.00 4.00  ? 45 HOH B O     1 
HETATM 542 O O     . HOH D 2 .  ? -6.193  4.574   -11.214 1.00 39.91 ? 47 HOH B O     1 
HETATM 543 O O     . HOH D 2 .  ? -6.800  -6.341  11.801  1.00 16.37 ? 49 HOH B O     1 
HETATM 544 O O     . HOH D 2 .  ? -6.943  -8.821  11.140  1.00 46.91 ? 53 HOH B O     1 
HETATM 545 O O     . HOH D 2 .  ? 3.042   -16.262 10.738  1.00 4.00  ? 57 HOH B O     1 
HETATM 546 O O     . HOH D 2 .  ? 5.898   2.738   -9.009  1.00 24.24 ? 58 HOH B O     1 
HETATM 547 O O     . HOH D 2 .  ? 7.592   7.388   -11.867 1.00 54.78 ? 66 HOH B O     1 
HETATM 548 O O     . HOH D 2 .  ? 2.308   -17.480 8.019   1.00 40.06 ? 67 HOH B O     1 
HETATM 549 O O     . HOH D 2 .  ? -6.947  3.421   9.366   1.00 8.29  ? 68 HOH B O     1 
HETATM 550 O O     . HOH D 2 .  ? -9.299  5.599   -10.932 1.00 21.01 ? 69 HOH B O     1 
HETATM 551 O O     . HOH D 2 .  ? -2.971  -8.299  2.325   1.00 50.70 ? 70 HOH B O     1 
HETATM 552 O O     . HOH D 2 .  ? 4.468   3.558   -14.300 1.00 54.54 ? 71 HOH B O     1 
HETATM 553 O O     . HOH D 2 .  ? -8.357  4.871   -15.418 1.00 11.82 ? 73 HOH B O     1 
HETATM 554 O O     . HOH D 2 .  ? -9.981  8.806   -9.368  1.00 29.98 ? 75 HOH B O     1 
HETATM 555 O O     . HOH D 2 .  ? 1.914   10.267  -2.089  1.00 29.17 ? 76 HOH B O     1 
HETATM 556 O O     . HOH D 2 .  ? -7.991  -8.060  8.395   1.00 42.30 ? 81 HOH B O     1 
HETATM 557 O O     . HOH D 2 .  ? 6.579   -1.617  3.833   1.00 51.66 ? 82 HOH B O     1 
HETATM 558 O O     . HOH D 2 .  ? -5.501  -1.445  10.470  1.00 42.45 ? 83 HOH B O     1 
HETATM 559 O O     . HOH D 2 .  ? -5.152  6.148   10.981  1.00 42.27 ? 85 HOH B O     1 
# 
